data_2MF3
#
_entry.id   2MF3
#
_entity_poly.entity_id   1
_entity_poly.type   'polypeptide(L)'
_entity_poly.pdbx_seq_one_letter_code
;SKECMTDGTVCYIHNHNDCCGSCLCSNGPIARPWEMMVGNCMCGPKA
;
_entity_poly.pdbx_strand_id   A
#
# COMPACT_ATOMS: atom_id res chain seq x y z
N SER A 1 8.81 12.74 -19.49
CA SER A 1 9.41 12.26 -18.26
C SER A 1 8.34 11.94 -17.21
N LYS A 2 8.71 11.15 -16.22
CA LYS A 2 7.79 10.77 -15.16
C LYS A 2 8.54 10.43 -13.88
N GLU A 3 7.96 10.79 -12.73
CA GLU A 3 8.58 10.53 -11.44
C GLU A 3 7.59 9.84 -10.50
N CYS A 4 7.90 8.59 -10.15
CA CYS A 4 7.03 7.83 -9.26
C CYS A 4 7.86 7.07 -8.22
N MET A 5 7.19 6.24 -7.43
CA MET A 5 7.87 5.46 -6.40
C MET A 5 7.72 3.97 -6.66
N THR A 6 8.55 3.17 -5.98
CA THR A 6 8.51 1.73 -6.14
C THR A 6 7.68 1.07 -5.04
N ASP A 7 7.55 -0.24 -5.11
CA ASP A 7 6.79 -1.00 -4.12
C ASP A 7 7.48 -0.94 -2.76
N GLY A 8 6.69 -1.02 -1.70
CA GLY A 8 7.24 -1.00 -0.35
C GLY A 8 6.99 0.33 0.35
N THR A 9 6.69 1.36 -0.44
CA THR A 9 6.43 2.69 0.11
C THR A 9 4.94 2.92 0.30
N VAL A 10 4.54 3.22 1.53
CA VAL A 10 3.14 3.47 1.85
C VAL A 10 2.54 4.51 0.92
N CYS A 11 1.29 4.28 0.51
CA CYS A 11 0.60 5.19 -0.40
C CYS A 11 -0.85 5.37 0.03
N TYR A 12 -1.43 6.51 -0.34
CA TYR A 12 -2.82 6.81 0.00
C TYR A 12 -3.61 7.21 -1.24
N ILE A 13 -4.74 6.54 -1.46
CA ILE A 13 -5.58 6.83 -2.61
C ILE A 13 -6.15 8.25 -2.53
N HIS A 14 -6.22 8.78 -1.31
CA HIS A 14 -6.74 10.13 -1.09
C HIS A 14 -5.61 11.09 -0.71
N ASN A 15 -4.41 10.84 -1.23
CA ASN A 15 -3.26 11.69 -0.93
C ASN A 15 -2.57 12.12 -2.21
N HIS A 16 -3.29 12.04 -3.34
CA HIS A 16 -2.74 12.43 -4.62
C HIS A 16 -1.41 11.73 -4.89
N ASN A 17 -1.26 10.53 -4.33
CA ASN A 17 -0.04 9.75 -4.50
C ASN A 17 -0.06 8.98 -5.81
N ASP A 18 0.94 9.21 -6.65
CA ASP A 18 1.04 8.53 -7.94
C ASP A 18 2.17 7.51 -7.93
N CYS A 19 1.82 6.24 -7.91
CA CYS A 19 2.82 5.17 -7.89
C CYS A 19 2.76 4.36 -9.19
N CYS A 20 3.92 4.14 -9.80
CA CYS A 20 4.01 3.39 -11.04
C CYS A 20 3.29 2.05 -10.91
N GLY A 21 3.25 1.52 -9.70
CA GLY A 21 2.59 0.24 -9.46
C GLY A 21 1.22 0.41 -8.84
N SER A 22 0.50 -0.71 -8.68
CA SER A 22 -0.84 -0.68 -8.10
C SER A 22 -0.79 -0.99 -6.62
N CYS A 23 -1.52 -0.22 -5.83
CA CYS A 23 -1.57 -0.41 -4.39
C CYS A 23 -2.32 -1.69 -4.04
N LEU A 24 -1.70 -2.53 -3.21
CA LEU A 24 -2.30 -3.79 -2.79
C LEU A 24 -2.59 -3.79 -1.29
N CYS A 25 -3.86 -3.87 -0.93
CA CYS A 25 -4.26 -3.89 0.47
C CYS A 25 -4.27 -5.30 1.01
N SER A 26 -3.62 -5.50 2.15
CA SER A 26 -3.55 -6.82 2.78
C SER A 26 -4.68 -6.99 3.79
N ASN A 27 -5.44 -8.07 3.63
CA ASN A 27 -6.56 -8.36 4.53
C ASN A 27 -6.20 -9.48 5.50
N GLY A 28 -4.91 -9.63 5.78
CA GLY A 28 -4.45 -10.67 6.69
C GLY A 28 -5.19 -10.63 8.01
N PRO A 29 -4.94 -11.64 8.86
CA PRO A 29 -5.58 -11.76 10.17
C PRO A 29 -5.09 -10.69 11.15
N ILE A 30 -6.00 -10.18 11.97
CA ILE A 30 -5.65 -9.16 12.95
C ILE A 30 -5.87 -9.66 14.36
N ALA A 31 -4.80 -10.07 15.03
CA ALA A 31 -4.87 -10.56 16.39
C ALA A 31 -4.33 -9.54 17.38
N ARG A 32 -3.38 -8.73 16.92
CA ARG A 32 -2.78 -7.71 17.76
C ARG A 32 -2.57 -6.41 16.99
N PRO A 33 -3.68 -5.69 16.74
CA PRO A 33 -3.65 -4.42 16.01
C PRO A 33 -2.99 -3.30 16.81
N TRP A 34 -2.83 -3.53 18.11
CA TRP A 34 -2.21 -2.54 18.99
C TRP A 34 -0.74 -2.38 18.66
N GLU A 35 -0.11 -3.46 18.19
CA GLU A 35 1.30 -3.44 17.85
C GLU A 35 1.50 -3.57 16.33
N MET A 36 0.68 -4.43 15.72
CA MET A 36 0.77 -4.64 14.28
C MET A 36 -0.61 -4.54 13.64
N MET A 37 -0.93 -3.36 13.13
CA MET A 37 -2.22 -3.11 12.48
C MET A 37 -2.17 -3.50 11.00
N VAL A 38 -2.78 -4.63 10.67
CA VAL A 38 -2.80 -5.12 9.29
C VAL A 38 -3.99 -4.53 8.53
N GLY A 39 -3.93 -3.23 8.28
CA GLY A 39 -5.01 -2.58 7.55
C GLY A 39 -4.51 -1.42 6.70
N ASN A 40 -3.28 -1.53 6.21
CA ASN A 40 -2.70 -0.49 5.38
C ASN A 40 -2.41 -1.00 3.97
N CYS A 41 -2.30 -0.08 3.02
CA CYS A 41 -2.02 -0.44 1.64
C CYS A 41 -0.74 0.22 1.15
N MET A 42 0.10 -0.56 0.46
CA MET A 42 1.35 -0.04 -0.07
C MET A 42 1.45 -0.27 -1.57
N CYS A 43 2.43 0.37 -2.20
CA CYS A 43 2.62 0.24 -3.64
C CYS A 43 3.15 -1.15 -4.00
N GLY A 44 2.75 -1.65 -5.15
CA GLY A 44 3.19 -2.97 -5.59
C GLY A 44 3.16 -3.12 -7.10
N PRO A 45 3.82 -4.16 -7.60
CA PRO A 45 3.89 -4.44 -9.04
C PRO A 45 2.54 -4.90 -9.60
N LYS A 46 2.21 -4.41 -10.79
CA LYS A 46 0.95 -4.77 -11.43
C LYS A 46 1.06 -6.13 -12.11
N ALA A 47 -0.01 -6.91 -12.03
CA ALA A 47 -0.04 -8.24 -12.63
C ALA A 47 -0.74 -8.21 -13.99
N SER A 1 10.05 10.27 -17.82
CA SER A 1 9.31 11.52 -17.89
C SER A 1 8.86 11.97 -16.50
N LYS A 2 8.01 11.16 -15.88
CA LYS A 2 7.50 11.47 -14.55
C LYS A 2 8.34 10.78 -13.47
N GLU A 3 8.13 11.17 -12.22
CA GLU A 3 8.86 10.59 -11.10
C GLU A 3 7.91 9.91 -10.12
N CYS A 4 7.93 8.58 -10.12
CA CYS A 4 7.07 7.81 -9.23
C CYS A 4 7.89 7.06 -8.19
N MET A 5 7.23 6.22 -7.40
CA MET A 5 7.91 5.44 -6.37
C MET A 5 7.76 3.95 -6.64
N THR A 6 8.59 3.15 -5.97
CA THR A 6 8.57 1.71 -6.13
C THR A 6 7.73 1.04 -5.04
N ASP A 7 7.61 -0.27 -5.12
CA ASP A 7 6.83 -1.02 -4.13
C ASP A 7 7.51 -0.97 -2.77
N GLY A 8 6.71 -1.08 -1.71
CA GLY A 8 7.25 -1.04 -0.36
C GLY A 8 6.98 0.28 0.34
N THR A 9 6.68 1.31 -0.45
CA THR A 9 6.42 2.64 0.10
C THR A 9 4.91 2.87 0.27
N VAL A 10 4.49 3.14 1.50
CA VAL A 10 3.09 3.39 1.79
C VAL A 10 2.50 4.44 0.86
N CYS A 11 1.25 4.26 0.47
CA CYS A 11 0.58 5.19 -0.42
C CYS A 11 -0.88 5.40 0.01
N TYR A 12 -1.44 6.55 -0.36
CA TYR A 12 -2.82 6.87 -0.01
C TYR A 12 -3.61 7.27 -1.25
N ILE A 13 -4.75 6.63 -1.45
CA ILE A 13 -5.61 6.92 -2.60
C ILE A 13 -6.18 8.33 -2.50
N HIS A 14 -6.23 8.87 -1.29
CA HIS A 14 -6.75 10.21 -1.08
C HIS A 14 -5.63 11.18 -0.71
N ASN A 15 -4.44 10.92 -1.23
CA ASN A 15 -3.28 11.76 -0.98
C ASN A 15 -2.60 12.17 -2.26
N HIS A 16 -3.32 12.07 -3.37
CA HIS A 16 -2.78 12.43 -4.68
C HIS A 16 -1.45 11.72 -4.94
N ASN A 17 -1.30 10.54 -4.36
CA ASN A 17 -0.08 9.76 -4.51
C ASN A 17 -0.10 8.98 -5.83
N ASP A 18 0.91 9.22 -6.66
CA ASP A 18 1.01 8.54 -7.95
C ASP A 18 2.16 7.53 -7.94
N CYS A 19 1.82 6.25 -7.91
CA CYS A 19 2.82 5.19 -7.89
C CYS A 19 2.76 4.38 -9.19
N CYS A 20 3.94 4.15 -9.79
CA CYS A 20 4.03 3.38 -11.02
C CYS A 20 3.30 2.05 -10.90
N GLY A 21 3.25 1.53 -9.68
CA GLY A 21 2.58 0.26 -9.45
C GLY A 21 1.21 0.43 -8.83
N SER A 22 0.49 -0.68 -8.67
CA SER A 22 -0.85 -0.65 -8.10
C SER A 22 -0.81 -0.96 -6.61
N CYS A 23 -1.56 -0.19 -5.83
CA CYS A 23 -1.62 -0.39 -4.38
C CYS A 23 -2.34 -1.68 -4.04
N LEU A 24 -1.71 -2.51 -3.20
CA LEU A 24 -2.30 -3.77 -2.79
C LEU A 24 -2.54 -3.80 -1.29
N CYS A 25 -3.80 -3.99 -0.89
CA CYS A 25 -4.16 -4.03 0.52
C CYS A 25 -4.10 -5.47 1.05
N SER A 26 -3.38 -5.64 2.16
CA SER A 26 -3.24 -6.96 2.78
C SER A 26 -4.39 -7.24 3.74
N ASN A 27 -5.13 -8.33 3.47
CA ASN A 27 -6.24 -8.70 4.32
C ASN A 27 -6.07 -10.13 4.86
N GLY A 28 -4.81 -10.54 5.01
CA GLY A 28 -4.52 -11.87 5.52
C GLY A 28 -5.21 -12.14 6.85
N PRO A 29 -5.04 -13.36 7.36
CA PRO A 29 -5.63 -13.77 8.64
C PRO A 29 -4.98 -13.08 9.83
N ILE A 30 -5.80 -12.54 10.71
CA ILE A 30 -5.31 -11.85 11.90
C ILE A 30 -5.87 -12.47 13.18
N ALA A 31 -4.98 -12.99 14.02
CA ALA A 31 -5.39 -13.61 15.26
C ALA A 31 -4.92 -12.79 16.46
N ARG A 32 -3.84 -12.03 16.27
CA ARG A 32 -3.30 -11.20 17.33
C ARG A 32 -3.03 -9.78 16.83
N PRO A 33 -4.11 -9.01 16.64
CA PRO A 33 -4.02 -7.63 16.17
C PRO A 33 -3.42 -6.69 17.21
N TRP A 34 -3.36 -7.15 18.46
CA TRP A 34 -2.82 -6.36 19.54
C TRP A 34 -1.31 -6.18 19.37
N GLU A 35 -0.68 -7.12 18.68
CA GLU A 35 0.76 -7.06 18.45
C GLU A 35 1.06 -6.85 16.96
N MET A 36 0.24 -7.45 16.11
CA MET A 36 0.42 -7.33 14.66
C MET A 36 -0.84 -6.78 14.00
N MET A 37 -0.88 -5.48 13.80
CA MET A 37 -2.03 -4.83 13.17
C MET A 37 -1.78 -4.58 11.70
N VAL A 38 -2.48 -5.32 10.84
CA VAL A 38 -2.33 -5.17 9.39
C VAL A 38 -3.62 -4.69 8.75
N GLY A 39 -3.50 -3.89 7.71
CA GLY A 39 -4.66 -3.37 7.03
C GLY A 39 -4.31 -2.29 6.01
N ASN A 40 -3.25 -1.55 6.29
CA ASN A 40 -2.81 -0.48 5.39
C ASN A 40 -2.47 -1.03 4.01
N CYS A 41 -2.32 -0.14 3.04
CA CYS A 41 -2.00 -0.53 1.68
C CYS A 41 -0.73 0.16 1.20
N MET A 42 0.10 -0.57 0.46
CA MET A 42 1.35 -0.03 -0.06
C MET A 42 1.44 -0.25 -1.57
N CYS A 43 2.44 0.39 -2.19
CA CYS A 43 2.64 0.27 -3.63
C CYS A 43 3.17 -1.12 -3.99
N GLY A 44 2.77 -1.62 -5.14
CA GLY A 44 3.21 -2.93 -5.58
C GLY A 44 3.15 -3.09 -7.09
N PRO A 45 3.82 -4.14 -7.60
CA PRO A 45 3.85 -4.43 -9.04
C PRO A 45 2.50 -4.89 -9.57
N LYS A 46 2.13 -4.42 -10.75
CA LYS A 46 0.87 -4.80 -11.37
C LYS A 46 0.99 -6.14 -12.09
N ALA A 47 -0.11 -6.89 -12.11
CA ALA A 47 -0.13 -8.20 -12.75
C ALA A 47 -0.71 -8.11 -14.16
N SER A 1 9.84 10.31 -18.29
CA SER A 1 10.54 10.80 -17.10
C SER A 1 9.58 10.92 -15.92
N LYS A 2 8.58 10.06 -15.90
CA LYS A 2 7.59 10.06 -14.82
C LYS A 2 8.26 9.87 -13.47
N GLU A 3 7.96 10.75 -12.52
CA GLU A 3 8.53 10.68 -11.19
C GLU A 3 7.58 9.97 -10.23
N CYS A 4 7.78 8.67 -10.06
CA CYS A 4 6.94 7.87 -9.18
C CYS A 4 7.80 7.12 -8.15
N MET A 5 7.16 6.24 -7.38
CA MET A 5 7.86 5.47 -6.37
C MET A 5 7.72 3.97 -6.63
N THR A 6 8.56 3.17 -5.99
CA THR A 6 8.53 1.73 -6.15
C THR A 6 7.69 1.07 -5.07
N ASP A 7 7.57 -0.25 -5.15
CA ASP A 7 6.79 -1.01 -4.17
C ASP A 7 7.48 -0.99 -2.80
N GLY A 8 6.68 -1.08 -1.74
CA GLY A 8 7.23 -1.06 -0.40
C GLY A 8 6.99 0.25 0.31
N THR A 9 6.71 1.30 -0.46
CA THR A 9 6.45 2.61 0.10
C THR A 9 4.96 2.85 0.29
N VAL A 10 4.56 3.15 1.53
CA VAL A 10 3.17 3.41 1.84
C VAL A 10 2.58 4.45 0.91
N CYS A 11 1.32 4.26 0.52
CA CYS A 11 0.64 5.19 -0.38
C CYS A 11 -0.82 5.37 0.04
N TYR A 12 -1.39 6.50 -0.33
CA TYR A 12 -2.79 6.81 0.01
C TYR A 12 -3.57 7.21 -1.23
N ILE A 13 -4.71 6.56 -1.44
CA ILE A 13 -5.56 6.85 -2.59
C ILE A 13 -6.14 8.26 -2.50
N HIS A 14 -6.21 8.79 -1.28
CA HIS A 14 -6.74 10.13 -1.07
C HIS A 14 -5.62 11.10 -0.70
N ASN A 15 -4.43 10.85 -1.23
CA ASN A 15 -3.28 11.71 -0.96
C ASN A 15 -2.60 12.13 -2.25
N HIS A 16 -3.33 12.02 -3.36
CA HIS A 16 -2.80 12.39 -4.67
C HIS A 16 -1.45 11.70 -4.92
N ASN A 17 -1.29 10.51 -4.36
CA ASN A 17 -0.07 9.75 -4.52
C ASN A 17 -0.08 8.96 -5.83
N ASP A 18 0.92 9.20 -6.67
CA ASP A 18 1.02 8.53 -7.95
C ASP A 18 2.17 7.51 -7.95
N CYS A 19 1.82 6.24 -7.91
CA CYS A 19 2.82 5.17 -7.91
C CYS A 19 2.77 4.36 -9.19
N CYS A 20 3.93 4.14 -9.79
CA CYS A 20 4.02 3.39 -11.04
C CYS A 20 3.32 2.04 -10.91
N GLY A 21 3.28 1.51 -9.69
CA GLY A 21 2.63 0.24 -9.45
C GLY A 21 1.24 0.40 -8.84
N SER A 22 0.54 -0.72 -8.68
CA SER A 22 -0.80 -0.70 -8.11
C SER A 22 -0.76 -1.01 -6.61
N CYS A 23 -1.49 -0.21 -5.84
CA CYS A 23 -1.55 -0.39 -4.40
C CYS A 23 -2.31 -1.67 -4.03
N LEU A 24 -1.69 -2.50 -3.20
CA LEU A 24 -2.30 -3.75 -2.78
C LEU A 24 -2.59 -3.74 -1.28
N CYS A 25 -3.87 -3.82 -0.93
CA CYS A 25 -4.29 -3.82 0.47
C CYS A 25 -4.29 -5.24 1.04
N SER A 26 -3.63 -5.41 2.19
CA SER A 26 -3.55 -6.71 2.82
C SER A 26 -4.81 -6.99 3.65
N ASN A 27 -5.57 -7.99 3.23
CA ASN A 27 -6.80 -8.36 3.93
C ASN A 27 -6.63 -9.68 4.69
N GLY A 28 -5.39 -9.96 5.09
CA GLY A 28 -5.11 -11.18 5.83
C GLY A 28 -5.99 -11.33 7.05
N PRO A 29 -5.85 -12.48 7.74
CA PRO A 29 -6.63 -12.77 8.94
C PRO A 29 -6.24 -11.89 10.13
N ILE A 30 -7.23 -11.28 10.76
CA ILE A 30 -6.98 -10.41 11.90
C ILE A 30 -7.29 -11.13 13.21
N ALA A 31 -6.23 -11.57 13.90
CA ALA A 31 -6.39 -12.28 15.17
C ALA A 31 -5.87 -11.43 16.33
N ARG A 32 -4.86 -10.61 16.06
CA ARG A 32 -4.27 -9.75 17.08
C ARG A 32 -3.73 -8.46 16.46
N PRO A 33 -4.63 -7.56 16.07
CA PRO A 33 -4.27 -6.28 15.45
C PRO A 33 -3.62 -5.34 16.45
N TRP A 34 -3.79 -5.62 17.73
CA TRP A 34 -3.22 -4.79 18.79
C TRP A 34 -1.70 -4.89 18.79
N GLU A 35 -1.17 -6.02 18.31
CA GLU A 35 0.27 -6.24 18.26
C GLU A 35 0.84 -5.75 16.93
N MET A 36 0.05 -5.87 15.87
CA MET A 36 0.48 -5.45 14.55
C MET A 36 -0.71 -5.07 13.67
N MET A 37 -0.84 -3.78 13.37
CA MET A 37 -1.94 -3.30 12.55
C MET A 37 -1.61 -3.44 11.07
N VAL A 38 -2.13 -4.51 10.44
CA VAL A 38 -1.90 -4.77 9.04
C VAL A 38 -3.08 -4.30 8.19
N GLY A 39 -3.60 -3.12 8.51
CA GLY A 39 -4.71 -2.57 7.77
C GLY A 39 -4.32 -1.38 6.91
N ASN A 40 -3.20 -1.50 6.21
CA ASN A 40 -2.71 -0.43 5.34
C ASN A 40 -2.43 -0.96 3.94
N CYS A 41 -2.33 -0.04 2.99
CA CYS A 41 -2.06 -0.40 1.60
C CYS A 41 -0.78 0.27 1.11
N MET A 42 0.08 -0.52 0.46
CA MET A 42 1.33 -0.01 -0.06
C MET A 42 1.44 -0.25 -1.57
N CYS A 43 2.41 0.39 -2.20
CA CYS A 43 2.61 0.26 -3.64
C CYS A 43 3.13 -1.13 -3.98
N GLY A 44 2.73 -1.65 -5.14
CA GLY A 44 3.17 -2.97 -5.56
C GLY A 44 3.17 -3.12 -7.07
N PRO A 45 3.84 -4.18 -7.55
CA PRO A 45 3.93 -4.45 -8.99
C PRO A 45 2.59 -4.91 -9.58
N LYS A 46 2.29 -4.41 -10.77
CA LYS A 46 1.05 -4.75 -11.45
C LYS A 46 1.23 -5.96 -12.36
N ALA A 47 0.20 -6.80 -12.46
CA ALA A 47 0.26 -7.99 -13.29
C ALA A 47 0.21 -7.63 -14.77
N SER A 1 11.26 9.01 -18.10
CA SER A 1 10.91 8.30 -16.88
C SER A 1 10.00 9.13 -16.00
N LYS A 2 8.92 8.53 -15.53
CA LYS A 2 7.96 9.22 -14.67
C LYS A 2 8.48 9.32 -13.24
N GLU A 3 8.15 10.42 -12.57
CA GLU A 3 8.59 10.63 -11.19
C GLU A 3 7.65 9.93 -10.21
N CYS A 4 7.78 8.62 -10.10
CA CYS A 4 6.94 7.83 -9.20
C CYS A 4 7.78 7.09 -8.18
N MET A 5 7.14 6.24 -7.39
CA MET A 5 7.83 5.46 -6.37
C MET A 5 7.68 3.97 -6.63
N THR A 6 8.53 3.17 -5.98
CA THR A 6 8.49 1.72 -6.15
C THR A 6 7.68 1.06 -5.04
N ASP A 7 7.55 -0.26 -5.11
CA ASP A 7 6.80 -1.01 -4.12
C ASP A 7 7.50 -0.96 -2.76
N GLY A 8 6.72 -1.05 -1.70
CA GLY A 8 7.27 -1.02 -0.35
C GLY A 8 7.01 0.30 0.35
N THR A 9 6.70 1.33 -0.43
CA THR A 9 6.43 2.65 0.11
C THR A 9 4.94 2.88 0.31
N VAL A 10 4.53 3.18 1.52
CA VAL A 10 3.13 3.42 1.84
C VAL A 10 2.52 4.46 0.89
N CYS A 11 1.26 4.26 0.53
CA CYS A 11 0.58 5.18 -0.37
C CYS A 11 -0.89 5.34 0.04
N TYR A 12 -1.50 6.43 -0.40
CA TYR A 12 -2.89 6.71 -0.08
C TYR A 12 -3.66 7.16 -1.32
N ILE A 13 -4.77 6.48 -1.60
CA ILE A 13 -5.59 6.81 -2.76
C ILE A 13 -6.14 8.23 -2.66
N HIS A 14 -6.21 8.74 -1.43
CA HIS A 14 -6.71 10.09 -1.19
C HIS A 14 -5.59 11.02 -0.75
N ASN A 15 -4.39 10.79 -1.27
CA ASN A 15 -3.24 11.60 -0.94
C ASN A 15 -2.52 12.10 -2.20
N HIS A 16 -3.24 12.05 -3.32
CA HIS A 16 -2.68 12.50 -4.60
C HIS A 16 -1.34 11.82 -4.86
N ASN A 17 -1.19 10.61 -4.35
CA ASN A 17 0.04 9.84 -4.54
C ASN A 17 0.01 9.06 -5.85
N ASP A 18 1.02 9.26 -6.69
CA ASP A 18 1.10 8.58 -7.97
C ASP A 18 2.22 7.55 -7.96
N CYS A 19 1.85 6.27 -7.92
CA CYS A 19 2.83 5.19 -7.90
C CYS A 19 2.76 4.38 -9.19
N CYS A 20 3.92 4.14 -9.80
CA CYS A 20 4.00 3.38 -11.04
C CYS A 20 3.27 2.04 -10.90
N GLY A 21 3.22 1.52 -9.67
CA GLY A 21 2.54 0.26 -9.44
C GLY A 21 1.17 0.44 -8.81
N SER A 22 0.45 -0.66 -8.64
CA SER A 22 -0.88 -0.62 -8.06
C SER A 22 -0.83 -0.94 -6.56
N CYS A 23 -1.58 -0.17 -5.77
CA CYS A 23 -1.63 -0.36 -4.34
C CYS A 23 -2.36 -1.66 -3.98
N LEU A 24 -1.70 -2.49 -3.19
CA LEU A 24 -2.28 -3.76 -2.77
C LEU A 24 -2.53 -3.79 -1.27
N CYS A 25 -3.80 -3.88 -0.89
CA CYS A 25 -4.18 -3.92 0.51
C CYS A 25 -4.13 -5.34 1.06
N SER A 26 -3.45 -5.51 2.18
CA SER A 26 -3.31 -6.83 2.81
C SER A 26 -4.57 -7.18 3.60
N ASN A 27 -5.17 -8.31 3.26
CA ASN A 27 -6.38 -8.76 3.94
C ASN A 27 -6.07 -9.94 4.86
N GLY A 28 -4.85 -10.01 5.35
CA GLY A 28 -4.45 -11.09 6.23
C GLY A 28 -5.33 -11.18 7.47
N PRO A 29 -4.99 -12.11 8.37
CA PRO A 29 -5.75 -12.32 9.61
C PRO A 29 -5.59 -11.16 10.59
N ILE A 30 -6.70 -10.65 11.09
CA ILE A 30 -6.69 -9.55 12.04
C ILE A 30 -7.36 -9.93 13.35
N ALA A 31 -6.56 -10.11 14.39
CA ALA A 31 -7.08 -10.48 15.71
C ALA A 31 -6.80 -9.38 16.73
N ARG A 32 -5.68 -8.69 16.56
CA ARG A 32 -5.30 -7.61 17.46
C ARG A 32 -4.73 -6.43 16.71
N PRO A 33 -5.61 -5.67 16.03
CA PRO A 33 -5.21 -4.50 15.24
C PRO A 33 -4.75 -3.34 16.12
N TRP A 34 -5.04 -3.44 17.41
CA TRP A 34 -4.66 -2.40 18.36
C TRP A 34 -3.16 -2.47 18.68
N GLU A 35 -2.62 -3.67 18.67
CA GLU A 35 -1.20 -3.88 18.95
C GLU A 35 -0.36 -3.60 17.71
N MET A 36 -0.96 -3.78 16.54
CA MET A 36 -0.26 -3.54 15.28
C MET A 36 -1.25 -3.40 14.13
N MET A 37 -1.29 -2.21 13.54
CA MET A 37 -2.20 -1.94 12.42
C MET A 37 -1.72 -2.66 11.16
N VAL A 38 -2.23 -3.86 10.94
CA VAL A 38 -1.86 -4.65 9.77
C VAL A 38 -2.94 -4.57 8.69
N GLY A 39 -3.47 -3.36 8.48
CA GLY A 39 -4.50 -3.17 7.48
C GLY A 39 -4.23 -1.99 6.59
N ASN A 40 -2.95 -1.76 6.28
CA ASN A 40 -2.55 -0.65 5.42
C ASN A 40 -2.29 -1.12 4.00
N CYS A 41 -2.24 -0.18 3.07
CA CYS A 41 -1.99 -0.50 1.67
C CYS A 41 -0.73 0.19 1.16
N MET A 42 0.12 -0.56 0.49
CA MET A 42 1.36 -0.01 -0.05
C MET A 42 1.45 -0.24 -1.56
N CYS A 43 2.43 0.40 -2.19
CA CYS A 43 2.62 0.27 -3.63
C CYS A 43 3.15 -1.11 -3.99
N GLY A 44 2.74 -1.62 -5.15
CA GLY A 44 3.18 -2.93 -5.58
C GLY A 44 3.13 -3.09 -7.09
N PRO A 45 3.79 -4.13 -7.60
CA PRO A 45 3.83 -4.41 -9.05
C PRO A 45 2.48 -4.90 -9.57
N LYS A 46 2.11 -4.43 -10.76
CA LYS A 46 0.85 -4.82 -11.38
C LYS A 46 0.85 -6.30 -11.72
N ALA A 47 0.27 -7.11 -10.84
CA ALA A 47 0.19 -8.55 -11.05
C ALA A 47 -0.59 -8.88 -12.32
N SER A 1 5.66 11.62 -18.50
CA SER A 1 5.78 10.79 -17.31
C SER A 1 6.19 11.64 -16.10
N LYS A 2 6.34 10.98 -14.95
CA LYS A 2 6.72 11.66 -13.72
C LYS A 2 7.58 10.76 -12.84
N GLU A 3 8.12 11.32 -11.77
CA GLU A 3 8.97 10.56 -10.85
C GLU A 3 8.11 9.86 -9.80
N CYS A 4 7.66 8.65 -10.14
CA CYS A 4 6.84 7.86 -9.23
C CYS A 4 7.70 7.12 -8.21
N MET A 5 7.07 6.28 -7.40
CA MET A 5 7.78 5.51 -6.39
C MET A 5 7.63 4.02 -6.62
N THR A 6 8.48 3.22 -5.98
CA THR A 6 8.43 1.78 -6.12
C THR A 6 7.62 1.13 -5.00
N ASP A 7 7.49 -0.18 -5.05
CA ASP A 7 6.73 -0.92 -4.04
C ASP A 7 7.45 -0.87 -2.70
N GLY A 8 6.66 -0.93 -1.62
CA GLY A 8 7.24 -0.89 -0.29
C GLY A 8 7.00 0.43 0.41
N THR A 9 6.69 1.46 -0.38
CA THR A 9 6.45 2.79 0.17
C THR A 9 4.95 3.02 0.39
N VAL A 10 4.60 3.37 1.63
CA VAL A 10 3.21 3.63 1.97
C VAL A 10 2.57 4.63 1.00
N CYS A 11 1.37 4.31 0.54
CA CYS A 11 0.65 5.18 -0.39
C CYS A 11 -0.80 5.34 0.03
N TYR A 12 -1.41 6.46 -0.38
CA TYR A 12 -2.80 6.73 -0.06
C TYR A 12 -3.58 7.17 -1.29
N ILE A 13 -4.70 6.49 -1.55
CA ILE A 13 -5.53 6.81 -2.70
C ILE A 13 -6.09 8.22 -2.59
N HIS A 14 -6.16 8.74 -1.36
CA HIS A 14 -6.67 10.08 -1.13
C HIS A 14 -5.56 11.03 -0.70
N ASN A 15 -4.36 10.78 -1.22
CA ASN A 15 -3.20 11.61 -0.90
C ASN A 15 -2.49 12.07 -2.17
N HIS A 16 -3.20 12.02 -3.29
CA HIS A 16 -2.63 12.43 -4.57
C HIS A 16 -1.31 11.72 -4.83
N ASN A 17 -1.18 10.50 -4.30
CA ASN A 17 0.04 9.73 -4.48
C ASN A 17 0.01 8.95 -5.79
N ASP A 18 1.00 9.18 -6.63
CA ASP A 18 1.09 8.51 -7.92
C ASP A 18 2.23 7.48 -7.92
N CYS A 19 1.86 6.20 -7.90
CA CYS A 19 2.84 5.13 -7.90
C CYS A 19 2.78 4.33 -9.19
N CYS A 20 3.94 4.10 -9.81
CA CYS A 20 4.01 3.35 -11.06
C CYS A 20 3.28 2.02 -10.93
N GLY A 21 3.24 1.48 -9.72
CA GLY A 21 2.56 0.21 -9.48
C GLY A 21 1.19 0.39 -8.86
N SER A 22 0.48 -0.72 -8.70
CA SER A 22 -0.86 -0.69 -8.12
C SER A 22 -0.81 -1.01 -6.63
N CYS A 23 -1.53 -0.22 -5.83
CA CYS A 23 -1.57 -0.43 -4.39
C CYS A 23 -2.33 -1.70 -4.05
N LEU A 24 -1.71 -2.55 -3.22
CA LEU A 24 -2.33 -3.80 -2.81
C LEU A 24 -2.61 -3.81 -1.31
N CYS A 25 -3.90 -3.86 -0.96
CA CYS A 25 -4.30 -3.86 0.44
C CYS A 25 -4.36 -5.29 0.98
N SER A 26 -3.71 -5.50 2.12
CA SER A 26 -3.68 -6.82 2.74
C SER A 26 -4.77 -6.94 3.81
N ASN A 27 -5.48 -8.07 3.80
CA ASN A 27 -6.54 -8.31 4.76
C ASN A 27 -6.28 -9.58 5.55
N GLY A 28 -5.01 -9.96 5.68
CA GLY A 28 -4.65 -11.14 6.41
C GLY A 28 -5.25 -11.18 7.80
N PRO A 29 -5.20 -12.36 8.45
CA PRO A 29 -5.75 -12.54 9.80
C PRO A 29 -4.93 -11.82 10.85
N ILE A 30 -5.62 -11.02 11.68
CA ILE A 30 -4.95 -10.28 12.75
C ILE A 30 -5.19 -10.93 14.11
N ALA A 31 -4.13 -11.53 14.66
CA ALA A 31 -4.22 -12.18 15.96
C ALA A 31 -4.18 -11.16 17.09
N ARG A 32 -3.47 -10.06 16.86
CA ARG A 32 -3.36 -9.00 17.87
C ARG A 32 -3.54 -7.63 17.24
N PRO A 33 -4.78 -7.30 16.88
CA PRO A 33 -5.13 -6.01 16.26
C PRO A 33 -4.99 -4.85 17.24
N TRP A 34 -4.92 -5.17 18.53
CA TRP A 34 -4.80 -4.15 19.56
C TRP A 34 -3.40 -3.52 19.54
N GLU A 35 -2.40 -4.32 19.15
CA GLU A 35 -1.03 -3.85 19.09
C GLU A 35 -0.58 -3.70 17.64
N MET A 36 -0.99 -4.63 16.80
CA MET A 36 -0.62 -4.61 15.38
C MET A 36 -1.87 -4.58 14.49
N MET A 37 -2.27 -3.37 14.10
CA MET A 37 -3.44 -3.21 13.26
C MET A 37 -3.06 -3.25 11.78
N VAL A 38 -3.39 -4.35 11.11
CA VAL A 38 -3.08 -4.50 9.69
C VAL A 38 -4.22 -4.01 8.82
N GLY A 39 -4.12 -2.76 8.36
CA GLY A 39 -5.16 -2.19 7.53
C GLY A 39 -4.64 -1.08 6.64
N ASN A 40 -3.41 -1.24 6.15
CA ASN A 40 -2.79 -0.24 5.29
C ASN A 40 -2.48 -0.83 3.92
N CYS A 41 -2.33 0.04 2.93
CA CYS A 41 -2.03 -0.39 1.56
C CYS A 41 -0.73 0.22 1.07
N MET A 42 0.11 -0.60 0.43
CA MET A 42 1.38 -0.13 -0.08
C MET A 42 1.47 -0.34 -1.59
N CYS A 43 2.46 0.29 -2.22
CA CYS A 43 2.64 0.17 -3.66
C CYS A 43 3.17 -1.21 -4.03
N GLY A 44 2.75 -1.70 -5.19
CA GLY A 44 3.19 -3.02 -5.64
C GLY A 44 3.13 -3.16 -7.15
N PRO A 45 3.79 -4.21 -7.67
CA PRO A 45 3.83 -4.47 -9.12
C PRO A 45 2.47 -4.93 -9.65
N LYS A 46 2.13 -4.47 -10.84
CA LYS A 46 0.86 -4.83 -11.47
C LYS A 46 0.88 -6.28 -11.93
N ALA A 47 -0.02 -7.09 -11.37
CA ALA A 47 -0.10 -8.49 -11.72
C ALA A 47 -0.85 -8.68 -13.04
N SER A 1 9.31 15.42 -16.80
CA SER A 1 8.93 14.04 -16.47
C SER A 1 8.77 13.88 -14.97
N LYS A 2 7.87 12.98 -14.57
CA LYS A 2 7.61 12.72 -13.15
C LYS A 2 8.37 11.49 -12.69
N GLU A 3 8.70 11.45 -11.39
CA GLU A 3 9.42 10.33 -10.82
C GLU A 3 8.58 9.62 -9.76
N CYS A 4 7.86 8.59 -10.19
CA CYS A 4 7.00 7.83 -9.29
C CYS A 4 7.83 7.08 -8.25
N MET A 5 7.17 6.26 -7.44
CA MET A 5 7.86 5.48 -6.41
C MET A 5 7.72 3.99 -6.67
N THR A 6 8.57 3.21 -6.00
CA THR A 6 8.54 1.75 -6.17
C THR A 6 7.70 1.09 -5.07
N ASP A 7 7.57 -0.23 -5.16
CA ASP A 7 6.79 -0.98 -4.18
C ASP A 7 7.47 -0.96 -2.81
N GLY A 8 6.67 -1.05 -1.75
CA GLY A 8 7.22 -1.05 -0.41
C GLY A 8 6.99 0.28 0.29
N THR A 9 6.72 1.32 -0.47
CA THR A 9 6.48 2.65 0.09
C THR A 9 4.99 2.89 0.31
N VAL A 10 4.63 3.22 1.55
CA VAL A 10 3.24 3.48 1.90
C VAL A 10 2.62 4.50 0.95
N CYS A 11 1.36 4.29 0.60
CA CYS A 11 0.65 5.19 -0.30
C CYS A 11 -0.82 5.33 0.12
N TYR A 12 -1.48 6.35 -0.43
CA TYR A 12 -2.88 6.60 -0.11
C TYR A 12 -3.64 7.07 -1.35
N ILE A 13 -4.74 6.39 -1.65
CA ILE A 13 -5.56 6.72 -2.80
C ILE A 13 -6.13 8.13 -2.67
N HIS A 14 -6.21 8.63 -1.44
CA HIS A 14 -6.73 9.96 -1.19
C HIS A 14 -5.61 10.90 -0.72
N ASN A 15 -4.41 10.68 -1.25
CA ASN A 15 -3.26 11.51 -0.89
C ASN A 15 -2.56 12.03 -2.13
N HIS A 16 -3.26 12.01 -3.26
CA HIS A 16 -2.69 12.47 -4.52
C HIS A 16 -1.36 11.80 -4.80
N ASN A 17 -1.20 10.58 -4.31
CA ASN A 17 0.03 9.82 -4.51
C ASN A 17 0.00 9.04 -5.82
N ASP A 18 1.00 9.26 -6.66
CA ASP A 18 1.08 8.58 -7.94
C ASP A 18 2.21 7.55 -7.93
N CYS A 19 1.84 6.26 -7.90
CA CYS A 19 2.82 5.19 -7.90
C CYS A 19 2.75 4.38 -9.19
N CYS A 20 3.91 4.15 -9.79
CA CYS A 20 3.99 3.38 -11.04
C CYS A 20 3.26 2.04 -10.90
N GLY A 21 3.21 1.53 -9.67
CA GLY A 21 2.56 0.26 -9.43
C GLY A 21 1.18 0.44 -8.80
N SER A 22 0.47 -0.68 -8.63
CA SER A 22 -0.86 -0.64 -8.05
C SER A 22 -0.82 -0.96 -6.56
N CYS A 23 -1.53 -0.17 -5.78
CA CYS A 23 -1.57 -0.36 -4.33
C CYS A 23 -2.32 -1.63 -3.97
N LEU A 24 -1.69 -2.48 -3.16
CA LEU A 24 -2.30 -3.74 -2.74
C LEU A 24 -2.60 -3.72 -1.25
N CYS A 25 -3.88 -3.78 -0.90
CA CYS A 25 -4.30 -3.78 0.50
C CYS A 25 -4.31 -5.19 1.06
N SER A 26 -3.66 -5.36 2.21
CA SER A 26 -3.60 -6.68 2.86
C SER A 26 -4.83 -6.92 3.73
N ASN A 27 -5.64 -7.88 3.32
CA ASN A 27 -6.86 -8.21 4.05
C ASN A 27 -6.77 -9.62 4.65
N GLY A 28 -5.55 -10.06 4.94
CA GLY A 28 -5.34 -11.37 5.50
C GLY A 28 -6.19 -11.60 6.74
N PRO A 29 -6.25 -12.87 7.20
CA PRO A 29 -7.02 -13.25 8.38
C PRO A 29 -6.41 -12.71 9.67
N ILE A 30 -7.26 -12.18 10.55
CA ILE A 30 -6.81 -11.63 11.81
C ILE A 30 -7.51 -12.30 12.99
N ALA A 31 -6.72 -12.96 13.84
CA ALA A 31 -7.26 -13.64 15.01
C ALA A 31 -7.14 -12.78 16.26
N ARG A 32 -6.09 -11.96 16.31
CA ARG A 32 -5.85 -11.09 17.44
C ARG A 32 -5.62 -9.66 17.00
N PRO A 33 -6.70 -8.98 16.57
CA PRO A 33 -6.63 -7.60 16.10
C PRO A 33 -6.35 -6.62 17.24
N TRP A 34 -6.54 -7.08 18.47
CA TRP A 34 -6.31 -6.24 19.64
C TRP A 34 -4.81 -5.99 19.85
N GLU A 35 -4.00 -6.98 19.47
CA GLU A 35 -2.55 -6.88 19.62
C GLU A 35 -1.90 -6.60 18.27
N MET A 36 -2.47 -7.15 17.21
CA MET A 36 -1.93 -6.96 15.87
C MET A 36 -3.03 -6.47 14.92
N MET A 37 -3.10 -5.15 14.75
CA MET A 37 -4.09 -4.55 13.86
C MET A 37 -3.43 -3.98 12.61
N VAL A 38 -3.70 -4.63 11.47
CA VAL A 38 -3.14 -4.18 10.21
C VAL A 38 -4.23 -4.00 9.14
N GLY A 39 -4.10 -2.95 8.34
CA GLY A 39 -5.07 -2.68 7.30
C GLY A 39 -4.66 -1.54 6.40
N ASN A 40 -3.36 -1.44 6.12
CA ASN A 40 -2.84 -0.39 5.26
C ASN A 40 -2.58 -0.90 3.86
N CYS A 41 -2.37 0.02 2.91
CA CYS A 41 -2.12 -0.35 1.54
C CYS A 41 -0.83 0.30 1.03
N MET A 42 0.07 -0.51 0.49
CA MET A 42 1.34 -0.02 -0.03
C MET A 42 1.44 -0.25 -1.53
N CYS A 43 2.40 0.42 -2.16
CA CYS A 43 2.60 0.29 -3.61
C CYS A 43 3.14 -1.10 -3.95
N GLY A 44 2.69 -1.62 -5.10
CA GLY A 44 3.14 -2.93 -5.53
C GLY A 44 3.12 -3.08 -7.04
N PRO A 45 3.79 -4.13 -7.55
CA PRO A 45 3.86 -4.41 -8.98
C PRO A 45 2.52 -4.86 -9.55
N LYS A 46 2.19 -4.38 -10.74
CA LYS A 46 0.94 -4.75 -11.39
C LYS A 46 1.09 -6.07 -12.16
N ALA A 47 0.02 -6.85 -12.19
CA ALA A 47 0.03 -8.12 -12.89
C ALA A 47 -0.19 -7.94 -14.39
N SER A 1 6.36 8.51 -18.87
CA SER A 1 6.34 8.22 -17.43
C SER A 1 6.62 9.48 -16.63
N LYS A 2 6.72 9.31 -15.31
CA LYS A 2 6.98 10.44 -14.41
C LYS A 2 7.70 9.97 -13.15
N GLU A 3 8.12 10.93 -12.33
CA GLU A 3 8.82 10.62 -11.09
C GLU A 3 7.88 9.94 -10.09
N CYS A 4 7.84 8.61 -10.14
CA CYS A 4 7.00 7.84 -9.25
C CYS A 4 7.84 7.10 -8.21
N MET A 5 7.17 6.26 -7.42
CA MET A 5 7.85 5.49 -6.38
C MET A 5 7.73 3.99 -6.65
N THR A 6 8.56 3.20 -5.99
CA THR A 6 8.55 1.75 -6.15
C THR A 6 7.71 1.09 -5.07
N ASP A 7 7.59 -0.24 -5.15
CA ASP A 7 6.81 -0.99 -4.18
C ASP A 7 7.49 -0.97 -2.80
N GLY A 8 6.69 -1.07 -1.75
CA GLY A 8 7.22 -1.06 -0.41
C GLY A 8 6.98 0.25 0.30
N THR A 9 6.70 1.30 -0.47
CA THR A 9 6.45 2.62 0.09
C THR A 9 4.96 2.86 0.28
N VAL A 10 4.57 3.19 1.51
CA VAL A 10 3.18 3.45 1.83
C VAL A 10 2.57 4.47 0.88
N CYS A 11 1.30 4.30 0.54
CA CYS A 11 0.61 5.21 -0.36
C CYS A 11 -0.85 5.38 0.05
N TYR A 12 -1.44 6.51 -0.32
CA TYR A 12 -2.82 6.80 0.01
C TYR A 12 -3.61 7.21 -1.22
N ILE A 13 -4.73 6.53 -1.47
CA ILE A 13 -5.56 6.82 -2.62
C ILE A 13 -6.14 8.23 -2.54
N HIS A 14 -6.22 8.76 -1.32
CA HIS A 14 -6.74 10.12 -1.11
C HIS A 14 -5.62 11.07 -0.72
N ASN A 15 -4.42 10.83 -1.23
CA ASN A 15 -3.27 11.68 -0.94
C ASN A 15 -2.58 12.11 -2.22
N HIS A 16 -3.30 12.04 -3.33
CA HIS A 16 -2.75 12.43 -4.62
C HIS A 16 -1.41 11.74 -4.88
N ASN A 17 -1.27 10.54 -4.33
CA ASN A 17 -0.04 9.77 -4.50
C ASN A 17 -0.06 8.99 -5.82
N ASP A 18 0.94 9.22 -6.66
CA ASP A 18 1.04 8.53 -7.94
C ASP A 18 2.17 7.52 -7.93
N CYS A 19 1.82 6.24 -7.91
CA CYS A 19 2.81 5.17 -7.89
C CYS A 19 2.76 4.36 -9.19
N CYS A 20 3.92 4.14 -9.79
CA CYS A 20 4.01 3.38 -11.03
C CYS A 20 3.29 2.04 -10.90
N GLY A 21 3.25 1.51 -9.68
CA GLY A 21 2.60 0.24 -9.45
C GLY A 21 1.23 0.40 -8.83
N SER A 22 0.51 -0.72 -8.66
CA SER A 22 -0.83 -0.69 -8.09
C SER A 22 -0.78 -1.01 -6.59
N CYS A 23 -1.50 -0.22 -5.81
CA CYS A 23 -1.55 -0.41 -4.36
C CYS A 23 -2.30 -1.69 -4.01
N LEU A 24 -1.68 -2.53 -3.18
CA LEU A 24 -2.29 -3.79 -2.76
C LEU A 24 -2.59 -3.77 -1.27
N CYS A 25 -3.87 -3.84 -0.93
CA CYS A 25 -4.29 -3.83 0.47
C CYS A 25 -4.31 -5.25 1.03
N SER A 26 -3.66 -5.43 2.18
CA SER A 26 -3.60 -6.74 2.83
C SER A 26 -4.79 -6.95 3.75
N ASN A 27 -5.68 -7.85 3.37
CA ASN A 27 -6.87 -8.15 4.17
C ASN A 27 -6.79 -9.56 4.74
N GLY A 28 -5.58 -10.05 4.95
CA GLY A 28 -5.40 -11.38 5.49
C GLY A 28 -6.13 -11.57 6.80
N PRO A 29 -6.09 -12.81 7.34
CA PRO A 29 -6.75 -13.14 8.60
C PRO A 29 -6.08 -12.50 9.80
N ILE A 30 -6.79 -12.47 10.92
CA ILE A 30 -6.26 -11.88 12.14
C ILE A 30 -6.27 -12.89 13.29
N ALA A 31 -5.08 -13.20 13.81
CA ALA A 31 -4.95 -14.15 14.91
C ALA A 31 -4.70 -13.43 16.23
N ARG A 32 -4.12 -12.24 16.14
CA ARG A 32 -3.82 -11.45 17.33
C ARG A 32 -3.69 -9.97 16.98
N PRO A 33 -4.82 -9.36 16.59
CA PRO A 33 -4.87 -7.93 16.23
C PRO A 33 -4.66 -7.02 17.43
N TRP A 34 -4.75 -7.58 18.63
CA TRP A 34 -4.57 -6.82 19.85
C TRP A 34 -3.12 -6.37 20.00
N GLU A 35 -2.21 -7.12 19.41
CA GLU A 35 -0.79 -6.79 19.47
C GLU A 35 -0.36 -5.98 18.25
N MET A 36 -1.07 -6.17 17.15
CA MET A 36 -0.76 -5.45 15.91
C MET A 36 -1.79 -5.75 14.84
N MET A 37 -2.49 -4.72 14.37
CA MET A 37 -3.51 -4.88 13.34
C MET A 37 -3.04 -4.27 12.01
N VAL A 38 -2.86 -5.13 11.01
CA VAL A 38 -2.43 -4.67 9.69
C VAL A 38 -3.62 -4.37 8.79
N GLY A 39 -3.75 -3.10 8.40
CA GLY A 39 -4.85 -2.71 7.55
C GLY A 39 -4.50 -1.53 6.65
N ASN A 40 -3.26 -1.52 6.15
CA ASN A 40 -2.80 -0.45 5.28
C ASN A 40 -2.53 -0.97 3.88
N CYS A 41 -2.36 -0.04 2.93
CA CYS A 41 -2.10 -0.40 1.55
C CYS A 41 -0.81 0.26 1.05
N MET A 42 0.07 -0.55 0.47
CA MET A 42 1.34 -0.05 -0.04
C MET A 42 1.44 -0.28 -1.55
N CYS A 43 2.41 0.38 -2.18
CA CYS A 43 2.61 0.25 -3.62
C CYS A 43 3.15 -1.12 -3.96
N GLY A 44 2.73 -1.65 -5.11
CA GLY A 44 3.18 -2.95 -5.54
C GLY A 44 3.17 -3.11 -7.05
N PRO A 45 3.84 -4.15 -7.56
CA PRO A 45 3.93 -4.43 -8.99
C PRO A 45 2.59 -4.89 -9.57
N LYS A 46 2.29 -4.44 -10.79
CA LYS A 46 1.05 -4.81 -11.45
C LYS A 46 1.10 -6.25 -11.94
N ALA A 47 -0.06 -6.89 -12.02
CA ALA A 47 -0.15 -8.27 -12.48
C ALA A 47 -0.51 -8.34 -13.96
N SER A 1 10.44 10.60 -18.64
CA SER A 1 10.22 9.61 -17.59
C SER A 1 9.21 10.11 -16.57
N LYS A 2 8.61 9.19 -15.83
CA LYS A 2 7.63 9.53 -14.81
C LYS A 2 8.24 9.50 -13.42
N GLU A 3 7.94 10.52 -12.62
CA GLU A 3 8.47 10.61 -11.26
C GLU A 3 7.55 9.88 -10.28
N CYS A 4 7.68 8.55 -10.25
CA CYS A 4 6.87 7.74 -9.35
C CYS A 4 7.74 7.06 -8.30
N MET A 5 7.11 6.28 -7.42
CA MET A 5 7.83 5.58 -6.36
C MET A 5 7.75 4.07 -6.56
N THR A 6 8.64 3.35 -5.90
CA THR A 6 8.67 1.90 -6.01
C THR A 6 7.78 1.24 -4.97
N ASP A 7 7.70 -0.08 -4.99
CA ASP A 7 6.88 -0.82 -4.04
C ASP A 7 7.48 -0.75 -2.64
N GLY A 8 6.61 -0.84 -1.63
CA GLY A 8 7.07 -0.78 -0.26
C GLY A 8 6.79 0.56 0.39
N THR A 9 6.56 1.58 -0.43
CA THR A 9 6.29 2.93 0.07
C THR A 9 4.81 3.09 0.42
N VAL A 10 4.54 3.41 1.68
CA VAL A 10 3.17 3.60 2.13
C VAL A 10 2.41 4.58 1.24
N CYS A 11 1.34 4.09 0.62
CA CYS A 11 0.54 4.91 -0.26
C CYS A 11 -0.93 4.92 0.18
N TYR A 12 -1.65 5.98 -0.18
CA TYR A 12 -3.05 6.10 0.18
C TYR A 12 -3.87 6.61 -1.00
N ILE A 13 -5.07 6.05 -1.17
CA ILE A 13 -5.95 6.44 -2.25
C ILE A 13 -6.29 7.93 -2.18
N HIS A 14 -6.20 8.49 -0.98
CA HIS A 14 -6.50 9.90 -0.76
C HIS A 14 -5.21 10.69 -0.52
N ASN A 15 -4.13 10.26 -1.15
CA ASN A 15 -2.84 10.93 -1.00
C ASN A 15 -2.46 11.67 -2.28
N HIS A 16 -3.14 11.32 -3.38
CA HIS A 16 -2.87 11.95 -4.66
C HIS A 16 -1.45 11.64 -5.13
N ASN A 17 -0.91 10.52 -4.67
CA ASN A 17 0.45 10.12 -5.05
C ASN A 17 0.43 9.28 -6.32
N ASP A 18 1.50 9.40 -7.11
CA ASP A 18 1.60 8.67 -8.36
C ASP A 18 2.66 7.56 -8.25
N CYS A 19 2.19 6.32 -8.20
CA CYS A 19 3.09 5.18 -8.08
C CYS A 19 3.04 4.33 -9.36
N CYS A 20 4.21 3.95 -9.86
CA CYS A 20 4.30 3.14 -11.06
C CYS A 20 3.47 1.86 -10.92
N GLY A 21 3.28 1.42 -9.68
CA GLY A 21 2.49 0.22 -9.44
C GLY A 21 1.14 0.53 -8.83
N SER A 22 0.32 -0.51 -8.66
CA SER A 22 -1.00 -0.34 -8.09
C SER A 22 -1.00 -0.67 -6.59
N CYS A 23 -1.81 0.06 -5.83
CA CYS A 23 -1.89 -0.14 -4.38
C CYS A 23 -2.56 -1.47 -4.07
N LEU A 24 -1.90 -2.27 -3.24
CA LEU A 24 -2.43 -3.58 -2.85
C LEU A 24 -2.65 -3.65 -1.34
N CYS A 25 -3.91 -3.67 -0.92
CA CYS A 25 -4.25 -3.74 0.49
C CYS A 25 -4.19 -5.17 0.99
N SER A 26 -3.48 -5.38 2.09
CA SER A 26 -3.34 -6.71 2.69
C SER A 26 -4.55 -7.05 3.55
N ASN A 27 -5.18 -8.18 3.26
CA ASN A 27 -6.34 -8.62 4.03
C ASN A 27 -6.02 -9.88 4.83
N GLY A 28 -4.76 -10.04 5.20
CA GLY A 28 -4.35 -11.20 5.97
C GLY A 28 -5.17 -11.38 7.23
N PRO A 29 -4.90 -12.47 7.96
CA PRO A 29 -5.62 -12.78 9.20
C PRO A 29 -5.26 -11.82 10.33
N ILE A 30 -6.27 -11.40 11.09
CA ILE A 30 -6.06 -10.49 12.20
C ILE A 30 -6.57 -11.08 13.52
N ALA A 31 -5.65 -11.34 14.44
CA ALA A 31 -6.01 -11.90 15.74
C ALA A 31 -6.06 -10.82 16.81
N ARG A 32 -5.21 -9.81 16.66
CA ARG A 32 -5.14 -8.71 17.62
C ARG A 32 -5.20 -7.36 16.91
N PRO A 33 -6.39 -6.99 16.42
CA PRO A 33 -6.60 -5.72 15.72
C PRO A 33 -6.49 -4.52 16.65
N TRP A 34 -6.41 -4.79 17.95
CA TRP A 34 -6.30 -3.72 18.93
C TRP A 34 -4.84 -3.34 19.17
N GLU A 35 -3.95 -4.30 18.99
CA GLU A 35 -2.52 -4.07 19.18
C GLU A 35 -1.81 -3.93 17.83
N MET A 36 -2.28 -4.67 16.83
CA MET A 36 -1.69 -4.63 15.51
C MET A 36 -2.76 -4.47 14.44
N MET A 37 -2.95 -3.24 13.97
CA MET A 37 -3.94 -2.95 12.94
C MET A 37 -3.40 -3.25 11.55
N VAL A 38 -3.84 -4.35 10.96
CA VAL A 38 -3.40 -4.74 9.63
C VAL A 38 -4.36 -4.23 8.55
N GLY A 39 -4.36 -2.92 8.36
CA GLY A 39 -5.23 -2.32 7.36
C GLY A 39 -4.56 -1.20 6.59
N ASN A 40 -3.32 -1.45 6.16
CA ASN A 40 -2.56 -0.45 5.41
C ASN A 40 -2.32 -0.91 3.98
N CYS A 41 -2.26 0.04 3.05
CA CYS A 41 -2.04 -0.27 1.65
C CYS A 41 -0.77 0.41 1.14
N MET A 42 0.05 -0.34 0.41
CA MET A 42 1.29 0.19 -0.13
C MET A 42 1.36 -0.02 -1.64
N CYS A 43 2.41 0.51 -2.26
CA CYS A 43 2.59 0.38 -3.70
C CYS A 43 3.12 -1.01 -4.06
N GLY A 44 2.73 -1.50 -5.23
CA GLY A 44 3.18 -2.82 -5.67
C GLY A 44 2.95 -3.04 -7.14
N PRO A 45 3.59 -4.08 -7.70
CA PRO A 45 3.47 -4.43 -9.11
C PRO A 45 2.09 -4.98 -9.46
N LYS A 46 1.52 -4.51 -10.56
CA LYS A 46 0.20 -4.96 -10.99
C LYS A 46 0.27 -6.38 -11.56
N ALA A 47 -0.79 -7.15 -11.34
CA ALA A 47 -0.85 -8.52 -11.82
C ALA A 47 -1.46 -8.58 -13.22
N SER A 1 10.08 8.65 -19.40
CA SER A 1 10.49 8.85 -18.02
C SER A 1 9.33 9.35 -17.17
N LYS A 2 9.31 8.96 -15.91
CA LYS A 2 8.25 9.37 -15.00
C LYS A 2 8.77 9.49 -13.57
N GLU A 3 8.13 10.32 -12.77
CA GLU A 3 8.53 10.52 -11.38
C GLU A 3 7.56 9.82 -10.43
N CYS A 4 7.81 8.54 -10.17
CA CYS A 4 6.96 7.75 -9.28
C CYS A 4 7.80 7.04 -8.23
N MET A 5 7.14 6.21 -7.42
CA MET A 5 7.81 5.46 -6.37
C MET A 5 7.65 3.96 -6.58
N THR A 6 8.53 3.18 -5.96
CA THR A 6 8.49 1.73 -6.09
C THR A 6 7.67 1.11 -4.95
N ASP A 7 7.52 -0.21 -4.98
CA ASP A 7 6.76 -0.92 -3.96
C ASP A 7 7.45 -0.82 -2.60
N GLY A 8 6.67 -0.87 -1.54
CA GLY A 8 7.23 -0.79 -0.20
C GLY A 8 6.96 0.54 0.47
N THR A 9 6.65 1.55 -0.35
CA THR A 9 6.36 2.89 0.16
C THR A 9 4.88 3.07 0.47
N VAL A 10 4.57 3.43 1.71
CA VAL A 10 3.19 3.63 2.13
C VAL A 10 2.46 4.58 1.17
N CYS A 11 1.34 4.12 0.65
CA CYS A 11 0.54 4.93 -0.28
C CYS A 11 -0.92 4.96 0.14
N TYR A 12 -1.62 6.02 -0.26
CA TYR A 12 -3.03 6.18 0.08
C TYR A 12 -3.83 6.66 -1.13
N ILE A 13 -5.06 6.17 -1.24
CA ILE A 13 -5.93 6.56 -2.35
C ILE A 13 -6.31 8.03 -2.26
N HIS A 14 -6.24 8.58 -1.04
CA HIS A 14 -6.58 9.99 -0.82
C HIS A 14 -5.33 10.81 -0.53
N ASN A 15 -4.22 10.42 -1.15
CA ASN A 15 -2.96 11.12 -0.96
C ASN A 15 -2.51 11.82 -2.24
N HIS A 16 -3.17 11.48 -3.34
CA HIS A 16 -2.85 12.08 -4.63
C HIS A 16 -1.43 11.70 -5.06
N ASN A 17 -0.97 10.53 -4.61
CA ASN A 17 0.36 10.05 -4.95
C ASN A 17 0.34 9.24 -6.24
N ASP A 18 1.37 9.40 -7.04
CA ASP A 18 1.48 8.67 -8.31
C ASP A 18 2.54 7.58 -8.23
N CYS A 19 2.10 6.33 -8.18
CA CYS A 19 3.02 5.20 -8.09
C CYS A 19 2.96 4.36 -9.37
N CYS A 20 4.13 4.01 -9.90
CA CYS A 20 4.20 3.21 -11.11
C CYS A 20 3.41 1.92 -10.98
N GLY A 21 3.24 1.46 -9.73
CA GLY A 21 2.49 0.25 -9.48
C GLY A 21 1.13 0.52 -8.86
N SER A 22 0.35 -0.54 -8.69
CA SER A 22 -0.99 -0.41 -8.10
C SER A 22 -0.95 -0.73 -6.62
N CYS A 23 -1.76 0.00 -5.84
CA CYS A 23 -1.83 -0.20 -4.40
C CYS A 23 -2.49 -1.53 -4.07
N LEU A 24 -1.83 -2.33 -3.24
CA LEU A 24 -2.35 -3.63 -2.84
C LEU A 24 -2.58 -3.69 -1.33
N CYS A 25 -3.84 -3.72 -0.93
CA CYS A 25 -4.19 -3.78 0.49
C CYS A 25 -4.12 -5.21 1.00
N SER A 26 -3.41 -5.40 2.11
CA SER A 26 -3.27 -6.72 2.71
C SER A 26 -4.46 -7.05 3.61
N ASN A 27 -4.96 -8.28 3.50
CA ASN A 27 -6.10 -8.71 4.30
C ASN A 27 -5.74 -9.95 5.11
N GLY A 28 -4.46 -10.11 5.44
CA GLY A 28 -4.02 -11.24 6.21
C GLY A 28 -4.82 -11.43 7.48
N PRO A 29 -4.58 -12.56 8.17
CA PRO A 29 -5.28 -12.89 9.42
C PRO A 29 -4.86 -11.97 10.57
N ILE A 30 -5.85 -11.49 11.32
CA ILE A 30 -5.58 -10.61 12.45
C ILE A 30 -6.16 -11.18 13.74
N ALA A 31 -5.29 -11.46 14.69
CA ALA A 31 -5.72 -12.01 15.98
C ALA A 31 -5.67 -10.95 17.07
N ARG A 32 -4.76 -10.00 16.93
CA ARG A 32 -4.61 -8.92 17.90
C ARG A 32 -4.64 -7.56 17.22
N PRO A 33 -5.83 -7.13 16.78
CA PRO A 33 -6.02 -5.84 16.10
C PRO A 33 -5.84 -4.66 17.05
N TRP A 34 -5.86 -4.94 18.34
CA TRP A 34 -5.69 -3.89 19.35
C TRP A 34 -4.24 -3.45 19.44
N GLU A 35 -3.32 -4.37 19.20
CA GLU A 35 -1.90 -4.07 19.25
C GLU A 35 -1.31 -3.97 17.85
N MET A 36 -1.79 -4.82 16.95
CA MET A 36 -1.32 -4.83 15.57
C MET A 36 -2.48 -4.85 14.59
N MET A 37 -2.95 -3.66 14.21
CA MET A 37 -4.07 -3.55 13.27
C MET A 37 -3.57 -3.53 11.83
N VAL A 38 -3.77 -4.64 11.13
CA VAL A 38 -3.34 -4.75 9.74
C VAL A 38 -4.41 -4.21 8.79
N GLY A 39 -4.19 -3.00 8.30
CA GLY A 39 -5.14 -2.39 7.38
C GLY A 39 -4.53 -1.27 6.57
N ASN A 40 -3.27 -1.43 6.19
CA ASN A 40 -2.56 -0.43 5.41
C ASN A 40 -2.29 -0.92 3.99
N CYS A 41 -2.24 0.01 3.05
CA CYS A 41 -2.00 -0.33 1.65
C CYS A 41 -0.74 0.37 1.14
N MET A 42 0.10 -0.38 0.42
CA MET A 42 1.33 0.18 -0.13
C MET A 42 1.40 -0.05 -1.64
N CYS A 43 2.42 0.51 -2.27
CA CYS A 43 2.60 0.38 -3.72
C CYS A 43 3.14 -1.01 -4.07
N GLY A 44 2.76 -1.50 -5.24
CA GLY A 44 3.22 -2.80 -5.68
C GLY A 44 3.00 -3.03 -7.17
N PRO A 45 3.67 -4.06 -7.71
CA PRO A 45 3.57 -4.40 -9.13
C PRO A 45 2.19 -4.95 -9.50
N LYS A 46 1.66 -4.51 -10.63
CA LYS A 46 0.35 -4.95 -11.10
C LYS A 46 0.42 -6.38 -11.61
N ALA A 47 -0.66 -7.13 -11.41
CA ALA A 47 -0.73 -8.51 -11.86
C ALA A 47 -2.16 -8.92 -12.21
N SER A 1 7.82 16.33 -16.00
CA SER A 1 8.96 15.74 -15.31
C SER A 1 8.57 15.29 -13.91
N LYS A 2 8.50 13.97 -13.72
CA LYS A 2 8.14 13.41 -12.43
C LYS A 2 8.69 11.99 -12.28
N GLU A 3 8.98 11.60 -11.05
CA GLU A 3 9.51 10.27 -10.77
C GLU A 3 8.66 9.55 -9.72
N CYS A 4 7.90 8.55 -10.16
CA CYS A 4 7.06 7.79 -9.25
C CYS A 4 7.89 7.05 -8.21
N MET A 5 7.24 6.22 -7.41
CA MET A 5 7.91 5.46 -6.38
C MET A 5 7.78 3.96 -6.62
N THR A 6 8.62 3.17 -5.95
CA THR A 6 8.60 1.73 -6.10
C THR A 6 7.74 1.07 -5.02
N ASP A 7 7.62 -0.25 -5.08
CA ASP A 7 6.83 -0.99 -4.12
C ASP A 7 7.49 -0.94 -2.74
N GLY A 8 6.67 -1.03 -1.69
CA GLY A 8 7.19 -1.00 -0.34
C GLY A 8 6.92 0.33 0.35
N THR A 9 6.65 1.36 -0.44
CA THR A 9 6.37 2.69 0.10
C THR A 9 4.88 2.92 0.29
N VAL A 10 4.48 3.18 1.53
CA VAL A 10 3.07 3.41 1.83
C VAL A 10 2.48 4.48 0.92
N CYS A 11 1.26 4.25 0.46
CA CYS A 11 0.57 5.19 -0.43
C CYS A 11 -0.87 5.40 0.02
N TYR A 12 -1.43 6.54 -0.34
CA TYR A 12 -2.81 6.87 0.02
C TYR A 12 -3.61 7.28 -1.22
N ILE A 13 -4.74 6.63 -1.43
CA ILE A 13 -5.60 6.94 -2.56
C ILE A 13 -6.17 8.34 -2.45
N HIS A 14 -6.21 8.87 -1.23
CA HIS A 14 -6.73 10.21 -0.99
C HIS A 14 -5.60 11.18 -0.64
N ASN A 15 -4.42 10.92 -1.18
CA ASN A 15 -3.27 11.77 -0.93
C ASN A 15 -2.58 12.18 -2.23
N HIS A 16 -3.32 12.05 -3.33
CA HIS A 16 -2.79 12.41 -4.65
C HIS A 16 -1.44 11.74 -4.89
N ASN A 17 -1.30 10.51 -4.41
CA ASN A 17 -0.06 9.76 -4.58
C ASN A 17 -0.08 8.96 -5.88
N ASP A 18 0.93 9.21 -6.72
CA ASP A 18 1.03 8.52 -8.00
C ASP A 18 2.18 7.52 -7.99
N CYS A 19 1.84 6.23 -7.95
CA CYS A 19 2.85 5.18 -7.93
C CYS A 19 2.80 4.36 -9.22
N CYS A 20 3.97 4.11 -9.80
CA CYS A 20 4.07 3.34 -11.04
C CYS A 20 3.33 2.01 -10.90
N GLY A 21 3.25 1.49 -9.68
CA GLY A 21 2.58 0.23 -9.45
C GLY A 21 1.21 0.42 -8.84
N SER A 22 0.48 -0.69 -8.68
CA SER A 22 -0.86 -0.64 -8.10
C SER A 22 -0.83 -0.94 -6.61
N CYS A 23 -1.59 -0.17 -5.84
CA CYS A 23 -1.65 -0.36 -4.40
C CYS A 23 -2.37 -1.66 -4.05
N LEU A 24 -1.73 -2.49 -3.22
CA LEU A 24 -2.32 -3.76 -2.81
C LEU A 24 -2.54 -3.79 -1.30
N CYS A 25 -3.79 -4.02 -0.89
CA CYS A 25 -4.13 -4.09 0.52
C CYS A 25 -4.00 -5.51 1.06
N SER A 26 -3.27 -5.65 2.16
CA SER A 26 -3.08 -6.97 2.77
C SER A 26 -4.34 -7.43 3.49
N ASN A 27 -4.92 -8.53 3.01
CA ASN A 27 -6.14 -9.07 3.60
C ASN A 27 -5.92 -10.51 4.05
N GLY A 28 -4.68 -10.86 4.36
CA GLY A 28 -4.36 -12.20 4.79
C GLY A 28 -5.12 -12.60 6.05
N PRO A 29 -4.72 -13.74 6.64
CA PRO A 29 -5.35 -14.25 7.86
C PRO A 29 -5.04 -13.39 9.08
N ILE A 30 -6.08 -13.07 9.85
CA ILE A 30 -5.92 -12.26 11.04
C ILE A 30 -6.44 -12.98 12.28
N ALA A 31 -5.54 -13.24 13.23
CA ALA A 31 -5.91 -13.93 14.46
C ALA A 31 -6.04 -12.95 15.62
N ARG A 32 -5.21 -11.90 15.59
CA ARG A 32 -5.22 -10.88 16.65
C ARG A 32 -5.08 -9.48 16.06
N PRO A 33 -6.16 -9.01 15.42
CA PRO A 33 -6.19 -7.68 14.79
C PRO A 33 -6.17 -6.55 15.83
N TRP A 34 -6.47 -6.89 17.08
CA TRP A 34 -6.50 -5.92 18.15
C TRP A 34 -5.09 -5.42 18.47
N GLU A 35 -4.10 -6.25 18.19
CA GLU A 35 -2.71 -5.89 18.43
C GLU A 35 -1.91 -5.83 17.13
N MET A 36 -2.25 -6.72 16.19
CA MET A 36 -1.57 -6.77 14.91
C MET A 36 -2.41 -6.07 13.83
N MET A 37 -2.75 -4.82 14.09
CA MET A 37 -3.53 -4.03 13.15
C MET A 37 -2.68 -3.57 11.97
N VAL A 38 -2.56 -4.43 10.96
CA VAL A 38 -1.76 -4.10 9.77
C VAL A 38 -2.66 -3.85 8.57
N GLY A 39 -3.80 -3.22 8.82
CA GLY A 39 -4.73 -2.93 7.73
C GLY A 39 -4.32 -1.71 6.94
N ASN A 40 -3.26 -1.85 6.14
CA ASN A 40 -2.77 -0.75 5.33
C ASN A 40 -2.48 -1.22 3.90
N CYS A 41 -2.32 -0.26 3.00
CA CYS A 41 -2.04 -0.56 1.60
C CYS A 41 -0.78 0.14 1.12
N MET A 42 0.09 -0.58 0.43
CA MET A 42 1.33 -0.03 -0.08
C MET A 42 1.44 -0.24 -1.59
N CYS A 43 2.44 0.40 -2.20
CA CYS A 43 2.66 0.27 -3.63
C CYS A 43 3.19 -1.11 -3.99
N GLY A 44 2.77 -1.62 -5.14
CA GLY A 44 3.22 -2.94 -5.58
C GLY A 44 3.14 -3.11 -7.09
N PRO A 45 3.80 -4.15 -7.60
CA PRO A 45 3.81 -4.44 -9.04
C PRO A 45 2.46 -4.93 -9.54
N LYS A 46 2.06 -4.42 -10.71
CA LYS A 46 0.79 -4.81 -11.31
C LYS A 46 0.97 -5.94 -12.31
N ALA A 47 -0.12 -6.62 -12.63
CA ALA A 47 -0.08 -7.72 -13.58
C ALA A 47 -0.87 -7.39 -14.84
N SER A 1 5.72 12.94 -17.04
CA SER A 1 6.88 12.15 -16.62
C SER A 1 7.29 12.50 -15.20
N LYS A 2 6.50 12.04 -14.23
CA LYS A 2 6.77 12.29 -12.83
C LYS A 2 7.51 11.12 -12.19
N GLU A 3 8.50 11.43 -11.37
CA GLU A 3 9.28 10.39 -10.69
C GLU A 3 8.43 9.65 -9.67
N CYS A 4 7.80 8.57 -10.11
CA CYS A 4 6.95 7.77 -9.23
C CYS A 4 7.79 7.06 -8.18
N MET A 5 7.13 6.22 -7.38
CA MET A 5 7.82 5.47 -6.33
C MET A 5 7.67 3.96 -6.56
N THR A 6 8.54 3.18 -5.90
CA THR A 6 8.50 1.73 -6.03
C THR A 6 7.67 1.11 -4.92
N ASP A 7 7.53 -0.22 -4.95
CA ASP A 7 6.77 -0.94 -3.95
C ASP A 7 7.46 -0.87 -2.59
N GLY A 8 6.66 -0.93 -1.53
CA GLY A 8 7.21 -0.87 -0.18
C GLY A 8 6.96 0.46 0.48
N THR A 9 6.66 1.48 -0.32
CA THR A 9 6.39 2.81 0.20
C THR A 9 4.91 3.01 0.49
N VAL A 10 4.60 3.39 1.73
CA VAL A 10 3.21 3.61 2.14
C VAL A 10 2.51 4.56 1.17
N CYS A 11 1.35 4.12 0.66
CA CYS A 11 0.58 4.93 -0.27
C CYS A 11 -0.86 5.08 0.21
N TYR A 12 -1.51 6.14 -0.23
CA TYR A 12 -2.89 6.41 0.16
C TYR A 12 -3.72 6.88 -1.04
N ILE A 13 -4.92 6.34 -1.16
CA ILE A 13 -5.82 6.69 -2.25
C ILE A 13 -6.24 8.15 -2.16
N HIS A 14 -6.22 8.70 -0.95
CA HIS A 14 -6.61 10.08 -0.72
C HIS A 14 -5.38 10.97 -0.54
N ASN A 15 -4.26 10.54 -1.10
CA ASN A 15 -3.01 11.30 -1.01
C ASN A 15 -2.62 11.89 -2.36
N HIS A 16 -3.31 11.45 -3.41
CA HIS A 16 -3.04 11.93 -4.76
C HIS A 16 -1.63 11.57 -5.20
N ASN A 17 -1.09 10.48 -4.64
CA ASN A 17 0.24 10.03 -4.98
C ASN A 17 0.24 9.21 -6.26
N ASP A 18 1.29 9.36 -7.06
CA ASP A 18 1.41 8.64 -8.32
C ASP A 18 2.49 7.58 -8.23
N CYS A 19 2.07 6.31 -8.18
CA CYS A 19 2.99 5.20 -8.10
C CYS A 19 2.95 4.35 -9.37
N CYS A 20 4.13 4.01 -9.89
CA CYS A 20 4.23 3.21 -11.10
C CYS A 20 3.43 1.92 -10.96
N GLY A 21 3.26 1.47 -9.73
CA GLY A 21 2.52 0.23 -9.48
C GLY A 21 1.16 0.49 -8.87
N SER A 22 0.37 -0.56 -8.70
CA SER A 22 -0.96 -0.45 -8.13
C SER A 22 -0.94 -0.76 -6.64
N CYS A 23 -1.75 -0.04 -5.88
CA CYS A 23 -1.83 -0.24 -4.43
C CYS A 23 -2.49 -1.57 -4.10
N LEU A 24 -1.83 -2.36 -3.27
CA LEU A 24 -2.35 -3.67 -2.87
C LEU A 24 -2.57 -3.74 -1.37
N CYS A 25 -3.84 -3.77 -0.96
CA CYS A 25 -4.18 -3.82 0.45
C CYS A 25 -4.15 -5.26 0.95
N SER A 26 -3.46 -5.49 2.06
CA SER A 26 -3.34 -6.82 2.63
C SER A 26 -3.80 -6.82 4.10
N ASN A 27 -4.85 -7.57 4.38
CA ASN A 27 -5.38 -7.66 5.74
C ASN A 27 -4.57 -8.64 6.58
N GLY A 28 -4.08 -9.69 5.94
CA GLY A 28 -3.31 -10.70 6.65
C GLY A 28 -4.07 -11.32 7.80
N PRO A 29 -3.43 -12.27 8.49
CA PRO A 29 -4.03 -12.97 9.64
C PRO A 29 -4.18 -12.06 10.85
N ILE A 30 -5.37 -12.09 11.45
CA ILE A 30 -5.65 -11.26 12.62
C ILE A 30 -6.09 -12.11 13.80
N ALA A 31 -5.33 -12.08 14.88
CA ALA A 31 -5.64 -12.86 16.07
C ALA A 31 -6.14 -11.95 17.19
N ARG A 32 -5.63 -10.72 17.22
CA ARG A 32 -6.02 -9.76 18.24
C ARG A 32 -6.19 -8.37 17.64
N PRO A 33 -7.28 -8.18 16.89
CA PRO A 33 -7.59 -6.89 16.24
C PRO A 33 -7.97 -5.81 17.24
N TRP A 34 -8.30 -6.24 18.47
CA TRP A 34 -8.69 -5.30 19.51
C TRP A 34 -7.50 -4.45 19.94
N GLU A 35 -6.30 -4.99 19.79
CA GLU A 35 -5.08 -4.26 20.16
C GLU A 35 -4.20 -4.02 18.94
N MET A 36 -4.18 -4.99 18.03
CA MET A 36 -3.37 -4.89 16.81
C MET A 36 -4.25 -4.93 15.57
N MET A 37 -4.69 -3.74 15.13
CA MET A 37 -5.53 -3.65 13.94
C MET A 37 -4.73 -3.14 12.74
N VAL A 38 -4.30 -4.06 11.90
CA VAL A 38 -3.53 -3.71 10.71
C VAL A 38 -4.40 -3.76 9.45
N GLY A 39 -4.02 -2.98 8.45
CA GLY A 39 -4.77 -2.96 7.20
C GLY A 39 -4.36 -1.81 6.31
N ASN A 40 -3.06 -1.55 6.23
CA ASN A 40 -2.54 -0.46 5.40
C ASN A 40 -2.28 -0.95 3.98
N CYS A 41 -2.23 -0.02 3.04
CA CYS A 41 -1.98 -0.34 1.64
C CYS A 41 -0.72 0.35 1.13
N MET A 42 0.09 -0.39 0.39
CA MET A 42 1.33 0.15 -0.16
C MET A 42 1.40 -0.07 -1.68
N CYS A 43 2.42 0.49 -2.31
CA CYS A 43 2.61 0.34 -3.74
C CYS A 43 3.16 -1.03 -4.09
N GLY A 44 2.78 -1.53 -5.27
CA GLY A 44 3.24 -2.83 -5.71
C GLY A 44 3.04 -3.05 -7.20
N PRO A 45 3.69 -4.09 -7.74
CA PRO A 45 3.60 -4.43 -9.16
C PRO A 45 2.22 -4.98 -9.53
N LYS A 46 1.68 -4.51 -10.65
CA LYS A 46 0.37 -4.96 -11.11
C LYS A 46 0.43 -6.40 -11.60
N ALA A 47 -0.73 -7.03 -11.74
CA ALA A 47 -0.80 -8.40 -12.21
C ALA A 47 -1.50 -8.49 -13.56
N SER A 1 8.64 11.75 -18.68
CA SER A 1 9.41 11.45 -17.48
C SER A 1 8.55 11.61 -16.22
N LYS A 2 8.10 10.49 -15.68
CA LYS A 2 7.27 10.51 -14.48
C LYS A 2 8.08 10.13 -13.25
N GLU A 3 7.97 10.93 -12.19
CA GLU A 3 8.69 10.67 -10.95
C GLU A 3 7.81 9.96 -9.94
N CYS A 4 7.66 8.65 -10.10
CA CYS A 4 6.84 7.86 -9.20
C CYS A 4 7.70 7.10 -8.18
N MET A 5 7.08 6.25 -7.39
CA MET A 5 7.79 5.48 -6.38
C MET A 5 7.61 3.99 -6.61
N THR A 6 8.46 3.19 -5.98
CA THR A 6 8.40 1.74 -6.12
C THR A 6 7.61 1.11 -4.99
N ASP A 7 7.45 -0.22 -5.04
CA ASP A 7 6.72 -0.94 -4.02
C ASP A 7 7.45 -0.90 -2.68
N GLY A 8 6.67 -0.96 -1.60
CA GLY A 8 7.27 -0.93 -0.27
C GLY A 8 7.05 0.41 0.42
N THR A 9 6.73 1.43 -0.35
CA THR A 9 6.49 2.76 0.19
C THR A 9 5.02 3.01 0.43
N VAL A 10 4.67 3.43 1.64
CA VAL A 10 3.29 3.72 1.99
C VAL A 10 2.63 4.64 0.98
N CYS A 11 1.40 4.33 0.61
CA CYS A 11 0.66 5.14 -0.36
C CYS A 11 -0.81 5.22 0.01
N TYR A 12 -1.48 6.28 -0.43
CA TYR A 12 -2.90 6.48 -0.14
C TYR A 12 -3.63 6.97 -1.38
N ILE A 13 -4.78 6.37 -1.66
CA ILE A 13 -5.59 6.76 -2.81
C ILE A 13 -6.12 8.17 -2.66
N HIS A 14 -6.21 8.65 -1.42
CA HIS A 14 -6.69 9.99 -1.14
C HIS A 14 -5.55 10.89 -0.68
N ASN A 15 -4.37 10.66 -1.23
CA ASN A 15 -3.19 11.46 -0.87
C ASN A 15 -2.49 11.98 -2.12
N HIS A 16 -3.20 11.95 -3.25
CA HIS A 16 -2.65 12.43 -4.51
C HIS A 16 -1.31 11.77 -4.80
N ASN A 17 -1.14 10.54 -4.31
CA ASN A 17 0.10 9.80 -4.52
C ASN A 17 0.06 9.02 -5.83
N ASP A 18 1.07 9.24 -6.67
CA ASP A 18 1.15 8.55 -7.95
C ASP A 18 2.26 7.52 -7.95
N CYS A 19 1.89 6.24 -7.92
CA CYS A 19 2.86 5.16 -7.91
C CYS A 19 2.78 4.35 -9.20
N CYS A 20 3.95 4.10 -9.80
CA CYS A 20 4.01 3.34 -11.05
C CYS A 20 3.27 2.02 -10.92
N GLY A 21 3.22 1.49 -9.70
CA GLY A 21 2.55 0.23 -9.47
C GLY A 21 1.17 0.42 -8.84
N SER A 22 0.45 -0.68 -8.68
CA SER A 22 -0.88 -0.63 -8.09
C SER A 22 -0.85 -0.95 -6.60
N CYS A 23 -1.57 -0.16 -5.81
CA CYS A 23 -1.61 -0.35 -4.37
C CYS A 23 -2.36 -1.64 -4.01
N LEU A 24 -1.74 -2.48 -3.20
CA LEU A 24 -2.34 -3.74 -2.78
C LEU A 24 -2.62 -3.74 -1.28
N CYS A 25 -3.90 -3.72 -0.93
CA CYS A 25 -4.30 -3.72 0.49
C CYS A 25 -4.34 -5.14 1.03
N SER A 26 -3.68 -5.35 2.16
CA SER A 26 -3.65 -6.66 2.79
C SER A 26 -4.89 -6.89 3.65
N ASN A 27 -5.45 -8.09 3.59
CA ASN A 27 -6.63 -8.43 4.36
C ASN A 27 -6.26 -9.16 5.64
N GLY A 28 -5.06 -8.88 6.14
CA GLY A 28 -4.60 -9.51 7.37
C GLY A 28 -5.59 -9.38 8.50
N PRO A 29 -5.38 -10.14 9.58
CA PRO A 29 -6.26 -10.13 10.76
C PRO A 29 -6.14 -8.83 11.54
N ILE A 30 -7.29 -8.29 11.95
CA ILE A 30 -7.32 -7.06 12.72
C ILE A 30 -7.90 -7.28 14.12
N ALA A 31 -7.01 -7.48 15.09
CA ALA A 31 -7.43 -7.70 16.46
C ALA A 31 -7.04 -6.53 17.35
N ARG A 32 -5.88 -5.93 17.07
CA ARG A 32 -5.39 -4.80 17.85
C ARG A 32 -4.68 -3.79 16.95
N PRO A 33 -5.47 -3.05 16.15
CA PRO A 33 -4.94 -2.04 15.23
C PRO A 33 -4.37 -0.83 15.97
N TRP A 34 -4.73 -0.68 17.24
CA TRP A 34 -4.26 0.42 18.05
C TRP A 34 -2.77 0.29 18.35
N GLU A 35 -2.29 -0.95 18.40
CA GLU A 35 -0.89 -1.22 18.67
C GLU A 35 -0.12 -1.48 17.38
N MET A 36 -0.80 -2.07 16.41
CA MET A 36 -0.18 -2.38 15.12
C MET A 36 -1.22 -2.37 14.00
N MET A 37 -1.20 -1.33 13.19
CA MET A 37 -2.14 -1.21 12.08
C MET A 37 -1.66 -1.99 10.86
N VAL A 38 -2.13 -3.22 10.71
CA VAL A 38 -1.74 -4.06 9.59
C VAL A 38 -2.79 -4.02 8.49
N GLY A 39 -3.55 -2.93 8.44
CA GLY A 39 -4.57 -2.79 7.42
C GLY A 39 -4.28 -1.65 6.46
N ASN A 40 -3.00 -1.39 6.24
CA ASN A 40 -2.59 -0.31 5.33
C ASN A 40 -2.34 -0.85 3.94
N CYS A 41 -2.24 0.06 2.97
CA CYS A 41 -2.00 -0.32 1.58
C CYS A 41 -0.70 0.29 1.06
N MET A 42 0.14 -0.52 0.44
CA MET A 42 1.40 -0.06 -0.11
C MET A 42 1.47 -0.29 -1.61
N CYS A 43 2.45 0.34 -2.26
CA CYS A 43 2.61 0.21 -3.70
C CYS A 43 3.14 -1.18 -4.06
N GLY A 44 2.74 -1.68 -5.24
CA GLY A 44 3.17 -2.99 -5.67
C GLY A 44 3.10 -3.15 -7.18
N PRO A 45 3.75 -4.20 -7.70
CA PRO A 45 3.78 -4.48 -9.14
C PRO A 45 2.43 -4.94 -9.66
N LYS A 46 2.04 -4.44 -10.83
CA LYS A 46 0.77 -4.81 -11.44
C LYS A 46 0.82 -6.24 -11.98
N ALA A 47 0.12 -7.15 -11.30
CA ALA A 47 0.08 -8.54 -11.71
C ALA A 47 -1.18 -8.84 -12.50
N SER A 1 8.63 13.26 -17.59
CA SER A 1 9.71 13.27 -16.60
C SER A 1 9.15 13.00 -15.19
N LYS A 2 8.14 12.16 -15.12
CA LYS A 2 7.51 11.81 -13.84
C LYS A 2 8.42 10.88 -13.04
N GLU A 3 8.55 11.17 -11.74
CA GLU A 3 9.38 10.36 -10.86
C GLU A 3 8.53 9.66 -9.81
N CYS A 4 7.86 8.58 -10.21
CA CYS A 4 7.01 7.82 -9.30
C CYS A 4 7.86 7.08 -8.26
N MET A 5 7.20 6.25 -7.46
CA MET A 5 7.90 5.48 -6.43
C MET A 5 7.75 3.98 -6.68
N THR A 6 8.60 3.19 -6.01
CA THR A 6 8.57 1.74 -6.16
C THR A 6 7.72 1.10 -5.08
N ASP A 7 7.59 -0.23 -5.15
CA ASP A 7 6.79 -0.97 -4.18
C ASP A 7 7.46 -0.94 -2.80
N GLY A 8 6.64 -1.02 -1.75
CA GLY A 8 7.18 -1.01 -0.40
C GLY A 8 6.95 0.32 0.30
N THR A 9 6.67 1.35 -0.48
CA THR A 9 6.44 2.69 0.07
C THR A 9 4.95 2.92 0.31
N VAL A 10 4.59 3.21 1.55
CA VAL A 10 3.20 3.45 1.92
C VAL A 10 2.57 4.51 1.01
N CYS A 11 1.36 4.24 0.55
CA CYS A 11 0.65 5.16 -0.33
C CYS A 11 -0.81 5.30 0.09
N TYR A 12 -1.48 6.31 -0.44
CA TYR A 12 -2.87 6.57 -0.13
C TYR A 12 -3.63 7.05 -1.35
N ILE A 13 -4.73 6.36 -1.67
CA ILE A 13 -5.56 6.73 -2.82
C ILE A 13 -6.13 8.13 -2.66
N HIS A 14 -6.22 8.59 -1.41
CA HIS A 14 -6.75 9.92 -1.14
C HIS A 14 -5.64 10.86 -0.65
N ASN A 15 -4.43 10.65 -1.17
CA ASN A 15 -3.29 11.47 -0.79
C ASN A 15 -2.58 12.01 -2.02
N HIS A 16 -3.26 11.98 -3.16
CA HIS A 16 -2.69 12.46 -4.41
C HIS A 16 -1.33 11.83 -4.67
N ASN A 17 -1.22 10.53 -4.38
CA ASN A 17 0.03 9.81 -4.58
C ASN A 17 0.00 9.03 -5.89
N ASP A 18 1.00 9.24 -6.73
CA ASP A 18 1.09 8.55 -8.00
C ASP A 18 2.22 7.53 -8.00
N CYS A 19 1.86 6.26 -7.95
CA CYS A 19 2.85 5.19 -7.94
C CYS A 19 2.79 4.36 -9.23
N CYS A 20 3.95 4.12 -9.82
CA CYS A 20 4.03 3.35 -11.06
C CYS A 20 3.30 2.01 -10.91
N GLY A 21 3.25 1.51 -9.69
CA GLY A 21 2.57 0.25 -9.44
C GLY A 21 1.20 0.42 -8.82
N SER A 22 0.49 -0.68 -8.65
CA SER A 22 -0.85 -0.64 -8.07
C SER A 22 -0.80 -0.94 -6.58
N CYS A 23 -1.54 -0.15 -5.79
CA CYS A 23 -1.58 -0.33 -4.35
C CYS A 23 -2.32 -1.62 -3.99
N LEU A 24 -1.68 -2.46 -3.18
CA LEU A 24 -2.28 -3.73 -2.76
C LEU A 24 -2.58 -3.71 -1.26
N CYS A 25 -3.87 -3.76 -0.93
CA CYS A 25 -4.30 -3.75 0.46
C CYS A 25 -4.34 -5.16 1.02
N SER A 26 -3.70 -5.35 2.18
CA SER A 26 -3.66 -6.66 2.82
C SER A 26 -4.86 -6.85 3.73
N ASN A 27 -5.78 -7.72 3.31
CA ASN A 27 -6.98 -8.00 4.09
C ASN A 27 -7.02 -9.46 4.54
N GLY A 28 -5.84 -10.06 4.68
CA GLY A 28 -5.75 -11.45 5.11
C GLY A 28 -6.53 -11.72 6.37
N PRO A 29 -6.62 -13.00 6.76
CA PRO A 29 -7.34 -13.41 7.97
C PRO A 29 -6.63 -12.98 9.25
N ILE A 30 -7.39 -12.85 10.33
CA ILE A 30 -6.84 -12.44 11.60
C ILE A 30 -7.13 -13.47 12.69
N ALA A 31 -6.07 -14.04 13.25
CA ALA A 31 -6.21 -15.04 14.30
C ALA A 31 -5.91 -14.45 15.68
N ARG A 32 -5.05 -13.45 15.70
CA ARG A 32 -4.68 -12.79 16.95
C ARG A 32 -4.31 -11.33 16.71
N PRO A 33 -5.33 -10.50 16.43
CA PRO A 33 -5.14 -9.07 16.17
C PRO A 33 -4.74 -8.30 17.43
N TRP A 34 -4.82 -8.97 18.57
CA TRP A 34 -4.47 -8.35 19.84
C TRP A 34 -2.97 -8.08 19.92
N GLU A 35 -2.19 -8.87 19.18
CA GLU A 35 -0.74 -8.70 19.17
C GLU A 35 -0.33 -7.63 18.16
N MET A 36 -1.09 -7.51 17.09
CA MET A 36 -0.80 -6.52 16.05
C MET A 36 -1.89 -6.52 14.98
N MET A 37 -2.57 -5.39 14.84
CA MET A 37 -3.63 -5.27 13.84
C MET A 37 -3.21 -4.33 12.72
N VAL A 38 -3.00 -4.89 11.53
CA VAL A 38 -2.60 -4.10 10.38
C VAL A 38 -3.77 -3.89 9.42
N GLY A 39 -3.70 -2.81 8.64
CA GLY A 39 -4.76 -2.51 7.70
C GLY A 39 -4.42 -1.33 6.80
N ASN A 40 -3.24 -1.37 6.20
CA ASN A 40 -2.80 -0.30 5.31
C ASN A 40 -2.52 -0.83 3.92
N CYS A 41 -2.37 0.08 2.96
CA CYS A 41 -2.09 -0.30 1.57
C CYS A 41 -0.80 0.35 1.09
N MET A 42 0.06 -0.45 0.48
CA MET A 42 1.34 0.04 -0.03
C MET A 42 1.44 -0.19 -1.54
N CYS A 43 2.42 0.46 -2.16
CA CYS A 43 2.63 0.32 -3.60
C CYS A 43 3.15 -1.07 -3.94
N GLY A 44 2.70 -1.61 -5.07
CA GLY A 44 3.14 -2.92 -5.51
C GLY A 44 3.10 -3.08 -7.01
N PRO A 45 3.74 -4.16 -7.50
CA PRO A 45 3.80 -4.46 -8.94
C PRO A 45 2.44 -4.88 -9.50
N LYS A 46 2.08 -4.32 -10.65
CA LYS A 46 0.82 -4.65 -11.29
C LYS A 46 1.03 -5.60 -12.47
N ALA A 47 0.05 -6.46 -12.71
CA ALA A 47 0.13 -7.42 -13.80
C ALA A 47 0.01 -6.72 -15.14
N SER A 1 6.71 12.73 -18.12
CA SER A 1 6.57 11.70 -17.09
C SER A 1 6.85 12.28 -15.71
N LYS A 2 6.34 11.59 -14.68
CA LYS A 2 6.54 12.03 -13.30
C LYS A 2 7.36 11.01 -12.51
N GLU A 3 8.11 11.49 -11.53
CA GLU A 3 8.93 10.63 -10.71
C GLU A 3 8.10 9.89 -9.68
N CYS A 4 7.65 8.69 -10.03
CA CYS A 4 6.83 7.88 -9.14
C CYS A 4 7.71 7.14 -8.13
N MET A 5 7.08 6.25 -7.35
CA MET A 5 7.80 5.48 -6.34
C MET A 5 7.67 3.99 -6.61
N THR A 6 8.53 3.20 -5.97
CA THR A 6 8.51 1.75 -6.14
C THR A 6 7.69 1.08 -5.05
N ASP A 7 7.57 -0.24 -5.13
CA ASP A 7 6.82 -1.01 -4.15
C ASP A 7 7.51 -0.98 -2.79
N GLY A 8 6.71 -1.09 -1.73
CA GLY A 8 7.27 -1.07 -0.39
C GLY A 8 7.02 0.25 0.33
N THR A 9 6.72 1.29 -0.44
CA THR A 9 6.46 2.61 0.12
C THR A 9 4.97 2.84 0.31
N VAL A 10 4.58 3.16 1.54
CA VAL A 10 3.18 3.42 1.85
C VAL A 10 2.57 4.44 0.89
N CYS A 11 1.30 4.26 0.57
CA CYS A 11 0.61 5.17 -0.33
C CYS A 11 -0.86 5.32 0.07
N TYR A 12 -1.49 6.38 -0.41
CA TYR A 12 -2.89 6.65 -0.11
C TYR A 12 -3.65 7.10 -1.35
N ILE A 13 -4.77 6.46 -1.62
CA ILE A 13 -5.59 6.80 -2.78
C ILE A 13 -6.16 8.21 -2.65
N HIS A 14 -6.19 8.73 -1.42
CA HIS A 14 -6.70 10.07 -1.17
C HIS A 14 -5.58 11.00 -0.74
N ASN A 15 -4.38 10.78 -1.28
CA ASN A 15 -3.23 11.60 -0.95
C ASN A 15 -2.53 12.09 -2.22
N HIS A 16 -3.24 12.04 -3.33
CA HIS A 16 -2.70 12.48 -4.61
C HIS A 16 -1.35 11.81 -4.89
N ASN A 17 -1.18 10.60 -4.37
CA ASN A 17 0.05 9.85 -4.55
C ASN A 17 0.01 9.07 -5.86
N ASP A 18 1.03 9.26 -6.70
CA ASP A 18 1.11 8.57 -7.97
C ASP A 18 2.23 7.54 -7.96
N CYS A 19 1.86 6.26 -7.92
CA CYS A 19 2.84 5.18 -7.89
C CYS A 19 2.78 4.37 -9.19
N CYS A 20 3.94 4.13 -9.78
CA CYS A 20 4.02 3.35 -11.02
C CYS A 20 3.29 2.02 -10.89
N GLY A 21 3.23 1.51 -9.66
CA GLY A 21 2.56 0.25 -9.42
C GLY A 21 1.18 0.44 -8.80
N SER A 22 0.46 -0.67 -8.63
CA SER A 22 -0.87 -0.63 -8.06
C SER A 22 -0.83 -0.94 -6.56
N CYS A 23 -1.58 -0.16 -5.78
CA CYS A 23 -1.63 -0.35 -4.34
C CYS A 23 -2.36 -1.63 -3.98
N LEU A 24 -1.71 -2.48 -3.18
CA LEU A 24 -2.31 -3.75 -2.77
C LEU A 24 -2.56 -3.76 -1.26
N CYS A 25 -3.84 -3.84 -0.88
CA CYS A 25 -4.21 -3.86 0.53
C CYS A 25 -4.17 -5.29 1.08
N SER A 26 -3.48 -5.46 2.20
CA SER A 26 -3.37 -6.78 2.83
C SER A 26 -4.65 -7.13 3.59
N ASN A 27 -5.35 -8.15 3.11
CA ASN A 27 -6.58 -8.60 3.74
C ASN A 27 -6.32 -9.76 4.70
N GLY A 28 -5.11 -9.81 5.23
CA GLY A 28 -4.75 -10.87 6.16
C GLY A 28 -5.74 -11.01 7.29
N PRO A 29 -5.56 -12.06 8.11
CA PRO A 29 -6.44 -12.31 9.27
C PRO A 29 -6.27 -11.29 10.37
N ILE A 30 -7.39 -10.75 10.85
CA ILE A 30 -7.36 -9.76 11.92
C ILE A 30 -8.19 -10.21 13.11
N ALA A 31 -7.53 -10.36 14.26
CA ALA A 31 -8.20 -10.78 15.49
C ALA A 31 -8.47 -9.59 16.40
N ARG A 32 -7.59 -8.60 16.35
CA ARG A 32 -7.73 -7.40 17.17
C ARG A 32 -7.05 -6.21 16.52
N PRO A 33 -7.68 -5.67 15.46
CA PRO A 33 -7.17 -4.51 14.72
C PRO A 33 -7.24 -3.22 15.55
N TRP A 34 -7.98 -3.27 16.65
CA TRP A 34 -8.13 -2.11 17.51
C TRP A 34 -6.82 -1.78 18.22
N GLU A 35 -5.98 -2.80 18.38
CA GLU A 35 -4.69 -2.62 19.04
C GLU A 35 -3.56 -2.54 18.02
N MET A 36 -3.70 -3.31 16.94
CA MET A 36 -2.69 -3.33 15.89
C MET A 36 -3.33 -3.21 14.51
N MET A 37 -3.79 -2.00 14.19
CA MET A 37 -4.42 -1.74 12.91
C MET A 37 -3.51 -2.13 11.75
N VAL A 38 -3.76 -3.30 11.17
CA VAL A 38 -2.96 -3.79 10.06
C VAL A 38 -3.72 -3.68 8.74
N GLY A 39 -4.45 -2.58 8.57
CA GLY A 39 -5.21 -2.39 7.35
C GLY A 39 -4.64 -1.28 6.49
N ASN A 40 -3.34 -1.35 6.22
CA ASN A 40 -2.66 -0.35 5.40
C ASN A 40 -2.35 -0.91 4.01
N CYS A 41 -2.28 -0.02 3.03
CA CYS A 41 -2.00 -0.42 1.65
C CYS A 41 -0.73 0.25 1.15
N MET A 42 0.12 -0.52 0.48
CA MET A 42 1.37 0.00 -0.06
C MET A 42 1.45 -0.24 -1.57
N CYS A 43 2.43 0.40 -2.21
CA CYS A 43 2.61 0.27 -3.64
C CYS A 43 3.15 -1.11 -4.00
N GLY A 44 2.74 -1.63 -5.15
CA GLY A 44 3.19 -2.94 -5.58
C GLY A 44 3.13 -3.11 -7.10
N PRO A 45 3.80 -4.14 -7.61
CA PRO A 45 3.83 -4.43 -9.04
C PRO A 45 2.49 -4.92 -9.57
N LYS A 46 2.12 -4.45 -10.75
CA LYS A 46 0.86 -4.84 -11.37
C LYS A 46 0.96 -6.23 -11.98
N ALA A 47 -0.04 -7.06 -11.71
CA ALA A 47 -0.08 -8.42 -12.23
C ALA A 47 -1.50 -8.91 -12.42
N SER A 1 8.41 12.55 -19.41
CA SER A 1 8.96 11.79 -18.29
C SER A 1 8.08 11.93 -17.05
N LYS A 2 8.27 11.02 -16.09
CA LYS A 2 7.50 11.04 -14.86
C LYS A 2 8.36 10.59 -13.68
N GLU A 3 7.93 10.94 -12.47
CA GLU A 3 8.65 10.57 -11.26
C GLU A 3 7.73 9.89 -10.25
N CYS A 4 7.81 8.57 -10.18
CA CYS A 4 6.98 7.80 -9.26
C CYS A 4 7.83 7.08 -8.23
N MET A 5 7.20 6.23 -7.42
CA MET A 5 7.90 5.48 -6.39
C MET A 5 7.78 3.98 -6.64
N THR A 6 8.64 3.20 -5.99
CA THR A 6 8.62 1.75 -6.14
C THR A 6 7.77 1.10 -5.06
N ASP A 7 7.65 -0.23 -5.12
CA ASP A 7 6.87 -0.98 -4.15
C ASP A 7 7.53 -0.93 -2.77
N GLY A 8 6.71 -1.02 -1.72
CA GLY A 8 7.24 -0.99 -0.37
C GLY A 8 6.96 0.34 0.32
N THR A 9 6.69 1.37 -0.46
CA THR A 9 6.41 2.69 0.07
C THR A 9 4.92 2.91 0.29
N VAL A 10 4.54 3.22 1.52
CA VAL A 10 3.14 3.45 1.86
C VAL A 10 2.51 4.46 0.91
N CYS A 11 1.25 4.22 0.55
CA CYS A 11 0.53 5.12 -0.35
C CYS A 11 -0.94 5.22 0.04
N TYR A 12 -1.57 6.33 -0.31
CA TYR A 12 -2.97 6.55 0.00
C TYR A 12 -3.75 7.02 -1.23
N ILE A 13 -4.88 6.37 -1.50
CA ILE A 13 -5.71 6.71 -2.64
C ILE A 13 -6.21 8.15 -2.54
N HIS A 14 -6.23 8.68 -1.32
CA HIS A 14 -6.69 10.05 -1.09
C HIS A 14 -5.53 10.95 -0.67
N ASN A 15 -4.35 10.67 -1.22
CA ASN A 15 -3.15 11.45 -0.91
C ASN A 15 -2.50 11.98 -2.18
N HIS A 16 -3.23 11.92 -3.29
CA HIS A 16 -2.73 12.39 -4.57
C HIS A 16 -1.36 11.78 -4.88
N ASN A 17 -1.15 10.57 -4.38
CA ASN A 17 0.12 9.88 -4.60
C ASN A 17 0.08 9.08 -5.91
N ASP A 18 1.09 9.28 -6.74
CA ASP A 18 1.17 8.58 -8.02
C ASP A 18 2.29 7.54 -8.00
N CYS A 19 1.92 6.27 -7.95
CA CYS A 19 2.89 5.19 -7.92
C CYS A 19 2.82 4.37 -9.21
N CYS A 20 3.98 4.10 -9.80
CA CYS A 20 4.06 3.32 -11.03
C CYS A 20 3.30 2.00 -10.89
N GLY A 21 3.24 1.50 -9.66
CA GLY A 21 2.54 0.24 -9.42
C GLY A 21 1.17 0.46 -8.80
N SER A 22 0.42 -0.63 -8.63
CA SER A 22 -0.92 -0.55 -8.05
C SER A 22 -0.88 -0.86 -6.56
N CYS A 23 -1.65 -0.11 -5.78
CA CYS A 23 -1.70 -0.31 -4.34
C CYS A 23 -2.40 -1.62 -3.99
N LEU A 24 -1.76 -2.42 -3.16
CA LEU A 24 -2.32 -3.71 -2.74
C LEU A 24 -2.56 -3.73 -1.24
N CYS A 25 -3.83 -3.87 -0.85
CA CYS A 25 -4.20 -3.90 0.56
C CYS A 25 -4.10 -5.33 1.11
N SER A 26 -3.40 -5.47 2.23
CA SER A 26 -3.23 -6.78 2.85
C SER A 26 -4.52 -7.24 3.52
N ASN A 27 -4.94 -8.46 3.19
CA ASN A 27 -6.16 -9.02 3.76
C ASN A 27 -5.88 -10.33 4.48
N GLY A 28 -4.65 -10.46 5.00
CA GLY A 28 -4.27 -11.67 5.71
C GLY A 28 -5.26 -12.02 6.81
N PRO A 29 -5.08 -13.22 7.40
CA PRO A 29 -5.94 -13.70 8.48
C PRO A 29 -5.75 -12.93 9.77
N ILE A 30 -6.86 -12.52 10.38
CA ILE A 30 -6.81 -11.76 11.64
C ILE A 30 -7.44 -12.56 12.78
N ALA A 31 -6.60 -12.96 13.73
CA ALA A 31 -7.08 -13.72 14.88
C ALA A 31 -6.95 -12.90 16.17
N ARG A 32 -5.95 -12.04 16.22
CA ARG A 32 -5.72 -11.20 17.39
C ARG A 32 -5.26 -9.81 16.98
N PRO A 33 -6.20 -9.00 16.46
CA PRO A 33 -5.92 -7.63 16.01
C PRO A 33 -5.63 -6.70 17.19
N TRP A 34 -5.92 -7.16 18.40
CA TRP A 34 -5.69 -6.36 19.59
C TRP A 34 -4.19 -6.18 19.84
N GLU A 35 -3.40 -7.14 19.39
CA GLU A 35 -1.95 -7.08 19.56
C GLU A 35 -1.27 -6.70 18.26
N MET A 36 -1.85 -7.11 17.14
CA MET A 36 -1.30 -6.81 15.83
C MET A 36 -2.38 -6.31 14.88
N MET A 37 -2.49 -4.99 14.76
CA MET A 37 -3.49 -4.38 13.89
C MET A 37 -2.84 -3.86 12.61
N VAL A 38 -3.14 -4.50 11.49
CA VAL A 38 -2.59 -4.09 10.20
C VAL A 38 -3.67 -4.06 9.13
N GLY A 39 -3.74 -2.95 8.40
CA GLY A 39 -4.73 -2.82 7.34
C GLY A 39 -4.44 -1.65 6.43
N ASN A 40 -3.17 -1.46 6.08
CA ASN A 40 -2.77 -0.36 5.21
C ASN A 40 -2.49 -0.87 3.80
N CYS A 41 -2.40 0.06 2.85
CA CYS A 41 -2.13 -0.30 1.46
C CYS A 41 -0.84 0.35 0.97
N MET A 42 0.07 -0.47 0.45
CA MET A 42 1.34 0.01 -0.06
C MET A 42 1.45 -0.19 -1.57
N CYS A 43 2.46 0.43 -2.17
CA CYS A 43 2.67 0.32 -3.62
C CYS A 43 3.21 -1.06 -3.97
N GLY A 44 2.78 -1.58 -5.12
CA GLY A 44 3.23 -2.88 -5.57
C GLY A 44 3.10 -3.07 -7.07
N PRO A 45 3.75 -4.11 -7.60
CA PRO A 45 3.72 -4.41 -9.04
C PRO A 45 2.36 -4.92 -9.49
N LYS A 46 1.92 -4.47 -10.66
CA LYS A 46 0.63 -4.88 -11.21
C LYS A 46 0.69 -6.32 -11.71
N ALA A 47 -0.17 -7.17 -11.15
CA ALA A 47 -0.21 -8.57 -11.54
C ALA A 47 -1.39 -8.83 -12.49
N SER A 1 6.72 13.46 -18.31
CA SER A 1 7.63 12.68 -17.47
C SER A 1 7.38 12.97 -15.99
N LYS A 2 7.33 11.90 -15.20
CA LYS A 2 7.11 12.04 -13.76
C LYS A 2 7.99 11.07 -12.98
N GLU A 3 8.20 11.37 -11.70
CA GLU A 3 9.03 10.53 -10.85
C GLU A 3 8.18 9.81 -9.79
N CYS A 4 7.69 8.63 -10.15
CA CYS A 4 6.86 7.85 -9.24
C CYS A 4 7.72 7.11 -8.22
N MET A 5 7.09 6.27 -7.41
CA MET A 5 7.80 5.50 -6.40
C MET A 5 7.63 4.00 -6.63
N THR A 6 8.48 3.21 -5.98
CA THR A 6 8.43 1.76 -6.13
C THR A 6 7.61 1.13 -5.00
N ASP A 7 7.47 -0.19 -5.05
CA ASP A 7 6.72 -0.92 -4.04
C ASP A 7 7.43 -0.88 -2.70
N GLY A 8 6.65 -0.94 -1.61
CA GLY A 8 7.23 -0.90 -0.28
C GLY A 8 7.01 0.43 0.40
N THR A 9 6.70 1.45 -0.37
CA THR A 9 6.46 2.79 0.16
C THR A 9 4.97 3.02 0.41
N VAL A 10 4.64 3.39 1.64
CA VAL A 10 3.26 3.65 2.02
C VAL A 10 2.60 4.64 1.05
N CYS A 11 1.41 4.29 0.57
CA CYS A 11 0.69 5.14 -0.36
C CYS A 11 -0.79 5.23 0.02
N TYR A 12 -1.43 6.32 -0.38
CA TYR A 12 -2.84 6.53 -0.07
C TYR A 12 -3.60 7.01 -1.31
N ILE A 13 -4.76 6.40 -1.56
CA ILE A 13 -5.59 6.76 -2.70
C ILE A 13 -6.11 8.18 -2.57
N HIS A 14 -6.18 8.67 -1.34
CA HIS A 14 -6.67 10.01 -1.08
C HIS A 14 -5.53 10.94 -0.65
N ASN A 15 -4.35 10.69 -1.20
CA ASN A 15 -3.18 11.50 -0.88
C ASN A 15 -2.50 12.00 -2.15
N HIS A 16 -3.22 11.95 -3.26
CA HIS A 16 -2.68 12.40 -4.54
C HIS A 16 -1.33 11.73 -4.83
N ASN A 17 -1.16 10.52 -4.33
CA ASN A 17 0.08 9.78 -4.52
C ASN A 17 0.04 9.00 -5.84
N ASP A 18 1.04 9.22 -6.68
CA ASP A 18 1.13 8.53 -7.96
C ASP A 18 2.25 7.51 -7.96
N CYS A 19 1.88 6.22 -7.93
CA CYS A 19 2.85 5.15 -7.92
C CYS A 19 2.79 4.34 -9.22
N CYS A 20 3.95 4.09 -9.82
CA CYS A 20 4.02 3.34 -11.06
C CYS A 20 3.29 2.01 -10.93
N GLY A 21 3.23 1.49 -9.71
CA GLY A 21 2.56 0.22 -9.47
C GLY A 21 1.19 0.41 -8.85
N SER A 22 0.47 -0.70 -8.68
CA SER A 22 -0.87 -0.66 -8.10
C SER A 22 -0.82 -0.98 -6.61
N CYS A 23 -1.54 -0.18 -5.82
CA CYS A 23 -1.57 -0.37 -4.37
C CYS A 23 -2.34 -1.64 -4.01
N LEU A 24 -1.71 -2.50 -3.22
CA LEU A 24 -2.33 -3.76 -2.81
C LEU A 24 -2.63 -3.75 -1.31
N CYS A 25 -3.91 -3.77 -0.96
CA CYS A 25 -4.32 -3.77 0.44
C CYS A 25 -4.38 -5.19 0.99
N SER A 26 -3.74 -5.40 2.14
CA SER A 26 -3.73 -6.72 2.77
C SER A 26 -4.82 -6.82 3.82
N ASN A 27 -5.69 -7.82 3.65
CA ASN A 27 -6.78 -8.04 4.59
C ASN A 27 -6.61 -9.36 5.34
N GLY A 28 -5.35 -9.78 5.49
CA GLY A 28 -5.07 -11.02 6.19
C GLY A 28 -5.56 -11.01 7.62
N PRO A 29 -5.13 -12.00 8.41
CA PRO A 29 -5.51 -12.12 9.82
C PRO A 29 -4.88 -11.03 10.68
N ILE A 30 -5.69 -10.46 11.57
CA ILE A 30 -5.22 -9.40 12.46
C ILE A 30 -5.43 -9.78 13.92
N ALA A 31 -4.38 -10.26 14.57
CA ALA A 31 -4.45 -10.65 15.96
C ALA A 31 -4.11 -9.48 16.88
N ARG A 32 -3.23 -8.60 16.41
CA ARG A 32 -2.82 -7.44 17.19
C ARG A 32 -2.68 -6.21 16.29
N PRO A 33 -3.81 -5.66 15.86
CA PRO A 33 -3.83 -4.46 14.99
C PRO A 33 -3.39 -3.21 15.72
N TRP A 34 -3.33 -3.28 17.04
CA TRP A 34 -2.93 -2.15 17.85
C TRP A 34 -1.44 -1.85 17.66
N GLU A 35 -0.66 -2.89 17.37
CA GLU A 35 0.77 -2.73 17.16
C GLU A 35 1.15 -3.11 15.73
N MET A 36 0.52 -4.15 15.21
CA MET A 36 0.79 -4.61 13.86
C MET A 36 -0.45 -4.45 12.97
N MET A 37 -0.69 -3.21 12.53
CA MET A 37 -1.82 -2.92 11.67
C MET A 37 -1.47 -3.12 10.20
N VAL A 38 -1.87 -4.26 9.65
CA VAL A 38 -1.60 -4.58 8.26
C VAL A 38 -2.78 -4.21 7.37
N GLY A 39 -3.55 -3.22 7.79
CA GLY A 39 -4.71 -2.79 7.03
C GLY A 39 -4.34 -1.79 5.94
N ASN A 40 -3.29 -1.00 6.20
CA ASN A 40 -2.85 0.00 5.24
C ASN A 40 -2.52 -0.64 3.90
N CYS A 41 -2.35 0.19 2.88
CA CYS A 41 -2.04 -0.29 1.54
C CYS A 41 -0.73 0.31 1.04
N MET A 42 0.10 -0.53 0.42
CA MET A 42 1.39 -0.08 -0.09
C MET A 42 1.47 -0.31 -1.61
N CYS A 43 2.44 0.34 -2.24
CA CYS A 43 2.63 0.21 -3.68
C CYS A 43 3.15 -1.17 -4.04
N GLY A 44 2.72 -1.68 -5.20
CA GLY A 44 3.16 -3.00 -5.63
C GLY A 44 3.11 -3.15 -7.14
N PRO A 45 3.78 -4.19 -7.65
CA PRO A 45 3.83 -4.47 -9.09
C PRO A 45 2.49 -4.93 -9.64
N LYS A 46 2.14 -4.45 -10.83
CA LYS A 46 0.87 -4.81 -11.47
C LYS A 46 1.02 -6.11 -12.25
N ALA A 47 -0.03 -6.92 -12.24
CA ALA A 47 -0.03 -8.20 -12.93
C ALA A 47 -1.08 -8.21 -14.05
N SER A 1 10.14 5.45 -17.70
CA SER A 1 10.59 5.91 -16.39
C SER A 1 10.02 7.29 -16.09
N LYS A 2 9.14 7.36 -15.09
CA LYS A 2 8.53 8.62 -14.69
C LYS A 2 8.78 8.92 -13.23
N GLU A 3 8.46 10.13 -12.81
CA GLU A 3 8.65 10.53 -11.41
C GLU A 3 7.65 9.82 -10.49
N CYS A 4 7.99 8.60 -10.10
CA CYS A 4 7.13 7.82 -9.23
C CYS A 4 7.95 7.06 -8.18
N MET A 5 7.29 6.23 -7.39
CA MET A 5 7.96 5.45 -6.36
C MET A 5 7.80 3.95 -6.62
N THR A 6 8.63 3.15 -5.96
CA THR A 6 8.58 1.71 -6.12
C THR A 6 7.72 1.06 -5.05
N ASP A 7 7.58 -0.27 -5.13
CA ASP A 7 6.78 -1.00 -4.16
C ASP A 7 7.46 -1.01 -2.79
N GLY A 8 6.65 -1.10 -1.73
CA GLY A 8 7.18 -1.11 -0.39
C GLY A 8 6.98 0.22 0.33
N THR A 9 6.74 1.27 -0.44
CA THR A 9 6.53 2.60 0.12
C THR A 9 5.05 2.88 0.36
N VAL A 10 4.72 3.29 1.57
CA VAL A 10 3.33 3.58 1.92
C VAL A 10 2.70 4.55 0.92
N CYS A 11 1.43 4.35 0.63
CA CYS A 11 0.71 5.20 -0.31
C CYS A 11 -0.76 5.31 0.07
N TYR A 12 -1.46 6.24 -0.57
CA TYR A 12 -2.88 6.45 -0.29
C TYR A 12 -3.61 6.92 -1.55
N ILE A 13 -4.79 6.35 -1.79
CA ILE A 13 -5.60 6.71 -2.94
C ILE A 13 -6.19 8.11 -2.80
N HIS A 14 -6.28 8.58 -1.56
CA HIS A 14 -6.83 9.89 -1.27
C HIS A 14 -5.74 10.85 -0.78
N ASN A 15 -4.52 10.64 -1.28
CA ASN A 15 -3.38 11.48 -0.89
C ASN A 15 -2.65 12.00 -2.12
N HIS A 16 -3.33 11.99 -3.25
CA HIS A 16 -2.74 12.47 -4.51
C HIS A 16 -1.40 11.79 -4.77
N ASN A 17 -1.26 10.56 -4.29
CA ASN A 17 -0.03 9.80 -4.46
C ASN A 17 -0.05 9.02 -5.78
N ASP A 18 0.95 9.26 -6.62
CA ASP A 18 1.04 8.58 -7.91
C ASP A 18 2.18 7.57 -7.91
N CYS A 19 1.84 6.30 -7.88
CA CYS A 19 2.84 5.23 -7.87
C CYS A 19 2.78 4.43 -9.17
N CYS A 20 3.95 4.17 -9.75
CA CYS A 20 4.03 3.41 -10.99
C CYS A 20 3.30 2.08 -10.87
N GLY A 21 3.22 1.57 -9.64
CA GLY A 21 2.53 0.30 -9.41
C GLY A 21 1.16 0.49 -8.80
N SER A 22 0.44 -0.61 -8.64
CA SER A 22 -0.91 -0.56 -8.07
C SER A 22 -0.87 -0.87 -6.57
N CYS A 23 -1.59 -0.07 -5.79
CA CYS A 23 -1.64 -0.25 -4.34
C CYS A 23 -2.41 -1.53 -3.99
N LEU A 24 -1.80 -2.35 -3.14
CA LEU A 24 -2.43 -3.61 -2.72
C LEU A 24 -2.63 -3.63 -1.21
N CYS A 25 -3.89 -3.71 -0.79
CA CYS A 25 -4.22 -3.74 0.63
C CYS A 25 -4.19 -5.17 1.17
N SER A 26 -3.47 -5.37 2.26
CA SER A 26 -3.36 -6.69 2.87
C SER A 26 -4.54 -6.95 3.81
N ASN A 27 -5.17 -8.10 3.63
CA ASN A 27 -6.32 -8.48 4.47
C ASN A 27 -6.04 -9.78 5.21
N GLY A 28 -4.77 -10.04 5.48
CA GLY A 28 -4.39 -11.24 6.20
C GLY A 28 -5.06 -11.36 7.55
N PRO A 29 -4.72 -12.42 8.29
CA PRO A 29 -5.30 -12.67 9.62
C PRO A 29 -4.84 -11.65 10.66
N ILE A 30 -5.77 -11.17 11.47
CA ILE A 30 -5.45 -10.20 12.51
C ILE A 30 -5.87 -10.70 13.88
N ALA A 31 -4.89 -10.87 14.77
CA ALA A 31 -5.14 -11.34 16.12
C ALA A 31 -4.85 -10.25 17.15
N ARG A 32 -3.85 -9.41 16.86
CA ARG A 32 -3.48 -8.34 17.76
C ARG A 32 -3.19 -7.05 16.98
N PRO A 33 -4.26 -6.41 16.48
CA PRO A 33 -4.15 -5.17 15.73
C PRO A 33 -3.72 -3.99 16.59
N TRP A 34 -3.81 -4.16 17.90
CA TRP A 34 -3.41 -3.12 18.83
C TRP A 34 -1.90 -2.97 18.90
N GLU A 35 -1.19 -4.08 18.66
CA GLU A 35 0.26 -4.07 18.70
C GLU A 35 0.83 -4.01 17.29
N MET A 36 0.09 -4.54 16.32
CA MET A 36 0.53 -4.53 14.93
C MET A 36 -0.66 -4.39 13.98
N MET A 37 -0.79 -3.21 13.38
CA MET A 37 -1.88 -2.94 12.46
C MET A 37 -1.49 -3.32 11.03
N VAL A 38 -2.03 -4.44 10.56
CA VAL A 38 -1.74 -4.91 9.20
C VAL A 38 -2.86 -4.52 8.24
N GLY A 39 -3.46 -3.37 8.47
CA GLY A 39 -4.54 -2.90 7.62
C GLY A 39 -4.14 -1.72 6.76
N ASN A 40 -2.87 -1.69 6.36
CA ASN A 40 -2.36 -0.60 5.53
C ASN A 40 -2.15 -1.05 4.10
N CYS A 41 -2.09 -0.09 3.18
CA CYS A 41 -1.88 -0.38 1.77
C CYS A 41 -0.63 0.29 1.24
N MET A 42 0.15 -0.45 0.46
CA MET A 42 1.39 0.07 -0.11
C MET A 42 1.45 -0.18 -1.61
N CYS A 43 2.42 0.44 -2.27
CA CYS A 43 2.59 0.29 -3.72
C CYS A 43 3.08 -1.12 -4.06
N GLY A 44 2.66 -1.62 -5.21
CA GLY A 44 3.07 -2.95 -5.63
C GLY A 44 3.03 -3.11 -7.14
N PRO A 45 3.68 -4.18 -7.64
CA PRO A 45 3.73 -4.48 -9.07
C PRO A 45 2.37 -4.90 -9.64
N LYS A 46 2.03 -4.36 -10.80
CA LYS A 46 0.76 -4.68 -11.44
C LYS A 46 0.76 -6.13 -11.94
N ALA A 47 -0.12 -6.95 -11.36
CA ALA A 47 -0.22 -8.35 -11.75
C ALA A 47 -1.29 -8.54 -12.82
N SER A 1 4.95 9.83 -15.69
CA SER A 1 5.85 10.84 -16.21
C SER A 1 6.87 11.25 -15.14
N LYS A 2 6.37 11.77 -14.02
CA LYS A 2 7.23 12.19 -12.93
C LYS A 2 7.94 11.00 -12.30
N GLU A 3 8.88 11.28 -11.39
CA GLU A 3 9.63 10.24 -10.71
C GLU A 3 8.76 9.52 -9.68
N CYS A 4 7.97 8.56 -10.14
CA CYS A 4 7.09 7.80 -9.26
C CYS A 4 7.90 7.03 -8.21
N MET A 5 7.21 6.21 -7.43
CA MET A 5 7.87 5.42 -6.39
C MET A 5 7.68 3.94 -6.64
N THR A 6 8.48 3.12 -5.98
CA THR A 6 8.40 1.67 -6.13
C THR A 6 7.61 1.04 -4.99
N ASP A 7 7.44 -0.28 -5.04
CA ASP A 7 6.70 -1.00 -4.02
C ASP A 7 7.45 -0.96 -2.68
N GLY A 8 6.70 -1.03 -1.59
CA GLY A 8 7.30 -0.99 -0.28
C GLY A 8 7.11 0.33 0.42
N THR A 9 6.80 1.36 -0.35
CA THR A 9 6.59 2.70 0.20
C THR A 9 5.11 2.97 0.43
N VAL A 10 4.79 3.42 1.65
CA VAL A 10 3.41 3.71 2.01
C VAL A 10 2.77 4.65 1.00
N CYS A 11 1.50 4.39 0.67
CA CYS A 11 0.78 5.21 -0.29
C CYS A 11 -0.69 5.33 0.09
N TYR A 12 -1.40 6.25 -0.54
CA TYR A 12 -2.81 6.46 -0.27
C TYR A 12 -3.55 6.93 -1.52
N ILE A 13 -4.72 6.33 -1.76
CA ILE A 13 -5.52 6.69 -2.93
C ILE A 13 -6.13 8.08 -2.77
N HIS A 14 -6.24 8.54 -1.53
CA HIS A 14 -6.79 9.86 -1.26
C HIS A 14 -5.70 10.81 -0.77
N ASN A 15 -4.49 10.62 -1.25
CA ASN A 15 -3.37 11.46 -0.87
C ASN A 15 -2.62 11.99 -2.10
N HIS A 16 -3.31 11.98 -3.23
CA HIS A 16 -2.72 12.46 -4.48
C HIS A 16 -1.38 11.77 -4.74
N ASN A 17 -1.25 10.55 -4.26
CA ASN A 17 -0.02 9.77 -4.44
C ASN A 17 -0.06 9.00 -5.76
N ASP A 18 0.94 9.24 -6.61
CA ASP A 18 1.03 8.57 -7.90
C ASP A 18 2.17 7.55 -7.91
N CYS A 19 1.81 6.27 -7.89
CA CYS A 19 2.80 5.21 -7.89
C CYS A 19 2.74 4.40 -9.19
N CYS A 20 3.89 4.18 -9.79
CA CYS A 20 3.97 3.42 -11.04
C CYS A 20 3.24 2.09 -10.92
N GLY A 21 3.18 1.56 -9.70
CA GLY A 21 2.51 0.29 -9.48
C GLY A 21 1.15 0.47 -8.85
N SER A 22 0.42 -0.63 -8.68
CA SER A 22 -0.91 -0.59 -8.09
C SER A 22 -0.85 -0.92 -6.60
N CYS A 23 -1.54 -0.11 -5.80
CA CYS A 23 -1.56 -0.32 -4.35
C CYS A 23 -2.35 -1.57 -3.99
N LEU A 24 -1.75 -2.43 -3.17
CA LEU A 24 -2.40 -3.66 -2.75
C LEU A 24 -2.66 -3.66 -1.25
N CYS A 25 -3.94 -3.71 -0.87
CA CYS A 25 -4.32 -3.71 0.53
C CYS A 25 -4.39 -5.13 1.08
N SER A 26 -3.72 -5.36 2.20
CA SER A 26 -3.71 -6.68 2.83
C SER A 26 -4.77 -6.79 3.90
N ASN A 27 -5.71 -7.71 3.71
CA ASN A 27 -6.79 -7.91 4.67
C ASN A 27 -6.62 -9.24 5.41
N GLY A 28 -5.37 -9.67 5.55
CA GLY A 28 -5.09 -10.92 6.24
C GLY A 28 -5.74 -10.97 7.62
N PRO A 29 -5.66 -12.14 8.26
CA PRO A 29 -6.22 -12.35 9.61
C PRO A 29 -5.46 -11.58 10.68
N ILE A 30 -6.20 -11.03 11.63
CA ILE A 30 -5.59 -10.27 12.72
C ILE A 30 -5.99 -10.85 14.07
N ALA A 31 -5.00 -11.30 14.83
CA ALA A 31 -5.24 -11.87 16.15
C ALA A 31 -4.87 -10.88 17.25
N ARG A 32 -3.87 -10.06 16.99
CA ARG A 32 -3.41 -9.07 17.96
C ARG A 32 -3.23 -7.70 17.30
N PRO A 33 -4.36 -7.04 16.98
CA PRO A 33 -4.35 -5.72 16.34
C PRO A 33 -3.86 -4.63 17.29
N TRP A 34 -3.85 -4.93 18.58
CA TRP A 34 -3.41 -3.97 19.59
C TRP A 34 -1.90 -3.72 19.47
N GLU A 35 -1.17 -4.73 19.02
CA GLU A 35 0.28 -4.62 18.85
C GLU A 35 0.64 -4.32 17.41
N MET A 36 -0.15 -4.86 16.48
CA MET A 36 0.09 -4.65 15.06
C MET A 36 -1.19 -4.86 14.25
N MET A 37 -1.74 -3.77 13.72
CA MET A 37 -2.96 -3.85 12.92
C MET A 37 -2.65 -3.74 11.43
N VAL A 38 -2.69 -4.88 10.74
CA VAL A 38 -2.42 -4.91 9.31
C VAL A 38 -3.60 -4.37 8.50
N GLY A 39 -3.72 -3.05 8.45
CA GLY A 39 -4.81 -2.43 7.71
C GLY A 39 -4.34 -1.26 6.87
N ASN A 40 -3.23 -1.44 6.17
CA ASN A 40 -2.68 -0.39 5.32
C ASN A 40 -2.47 -0.88 3.90
N CYS A 41 -2.23 0.04 2.98
CA CYS A 41 -2.00 -0.30 1.58
C CYS A 41 -0.70 0.30 1.07
N MET A 42 0.13 -0.52 0.45
CA MET A 42 1.40 -0.06 -0.09
C MET A 42 1.47 -0.28 -1.60
N CYS A 43 2.43 0.37 -2.24
CA CYS A 43 2.61 0.24 -3.69
C CYS A 43 3.12 -1.15 -4.05
N GLY A 44 2.68 -1.65 -5.21
CA GLY A 44 3.11 -2.96 -5.65
C GLY A 44 3.06 -3.10 -7.17
N PRO A 45 3.71 -4.15 -7.69
CA PRO A 45 3.76 -4.42 -9.12
C PRO A 45 2.41 -4.86 -9.68
N LYS A 46 2.06 -4.35 -10.85
CA LYS A 46 0.80 -4.70 -11.49
C LYS A 46 0.87 -6.09 -12.13
N ALA A 47 -0.30 -6.65 -12.42
CA ALA A 47 -0.36 -7.97 -13.04
C ALA A 47 -0.85 -7.89 -14.47
N SER A 1 12.32 8.14 -18.46
CA SER A 1 12.47 8.39 -17.03
C SER A 1 11.20 9.00 -16.45
N LYS A 2 10.48 8.20 -15.66
CA LYS A 2 9.24 8.66 -15.04
C LYS A 2 9.48 9.07 -13.58
N GLU A 3 8.57 9.87 -13.04
CA GLU A 3 8.68 10.33 -11.66
C GLU A 3 7.65 9.63 -10.77
N CYS A 4 8.06 8.51 -10.18
CA CYS A 4 7.17 7.75 -9.30
C CYS A 4 7.97 7.00 -8.24
N MET A 5 7.28 6.19 -7.45
CA MET A 5 7.93 5.41 -6.39
C MET A 5 7.76 3.92 -6.65
N THR A 6 8.58 3.11 -5.97
CA THR A 6 8.52 1.67 -6.12
C THR A 6 7.70 1.02 -5.00
N ASP A 7 7.55 -0.29 -5.07
CA ASP A 7 6.78 -1.03 -4.07
C ASP A 7 7.48 -0.99 -2.72
N GLY A 8 6.70 -1.07 -1.65
CA GLY A 8 7.26 -1.04 -0.31
C GLY A 8 7.04 0.29 0.39
N THR A 9 6.77 1.33 -0.40
CA THR A 9 6.54 2.66 0.14
C THR A 9 5.05 2.91 0.38
N VAL A 10 4.71 3.31 1.61
CA VAL A 10 3.32 3.58 1.96
C VAL A 10 2.68 4.55 0.97
N CYS A 11 1.41 4.30 0.66
CA CYS A 11 0.68 5.14 -0.29
C CYS A 11 -0.79 5.23 0.10
N TYR A 12 -1.50 6.16 -0.52
CA TYR A 12 -2.92 6.35 -0.24
C TYR A 12 -3.66 6.82 -1.49
N ILE A 13 -4.83 6.24 -1.73
CA ILE A 13 -5.64 6.60 -2.89
C ILE A 13 -6.20 8.01 -2.75
N HIS A 14 -6.29 8.48 -1.51
CA HIS A 14 -6.81 9.81 -1.24
C HIS A 14 -5.71 10.73 -0.71
N ASN A 15 -4.50 10.53 -1.21
CA ASN A 15 -3.35 11.33 -0.78
C ASN A 15 -2.64 11.94 -1.99
N HIS A 16 -3.32 11.93 -3.14
CA HIS A 16 -2.75 12.48 -4.35
C HIS A 16 -1.37 11.89 -4.62
N ASN A 17 -1.23 10.59 -4.41
CA ASN A 17 0.04 9.90 -4.62
C ASN A 17 0.01 9.11 -5.93
N ASP A 18 1.02 9.32 -6.76
CA ASP A 18 1.12 8.63 -8.04
C ASP A 18 2.24 7.59 -8.02
N CYS A 19 1.86 6.32 -7.98
CA CYS A 19 2.85 5.24 -7.95
C CYS A 19 2.79 4.42 -9.24
N CYS A 20 3.96 4.14 -9.81
CA CYS A 20 4.03 3.37 -11.05
C CYS A 20 3.30 2.05 -10.91
N GLY A 21 3.20 1.54 -9.68
CA GLY A 21 2.51 0.29 -9.44
C GLY A 21 1.14 0.50 -8.82
N SER A 22 0.41 -0.60 -8.65
CA SER A 22 -0.93 -0.54 -8.06
C SER A 22 -0.89 -0.84 -6.57
N CYS A 23 -1.62 -0.06 -5.79
CA CYS A 23 -1.68 -0.24 -4.35
C CYS A 23 -2.41 -1.53 -3.98
N LEU A 24 -1.79 -2.35 -3.15
CA LEU A 24 -2.39 -3.61 -2.73
C LEU A 24 -2.62 -3.62 -1.22
N CYS A 25 -3.89 -3.66 -0.83
CA CYS A 25 -4.26 -3.67 0.58
C CYS A 25 -4.25 -5.10 1.13
N SER A 26 -3.55 -5.30 2.24
CA SER A 26 -3.46 -6.61 2.87
C SER A 26 -4.69 -6.87 3.75
N ASN A 27 -5.45 -7.91 3.38
CA ASN A 27 -6.65 -8.27 4.13
C ASN A 27 -6.47 -9.62 4.82
N GLY A 28 -5.22 -9.97 5.13
CA GLY A 28 -4.94 -11.23 5.77
C GLY A 28 -5.78 -11.43 7.03
N PRO A 29 -5.68 -12.64 7.61
CA PRO A 29 -6.42 -12.99 8.82
C PRO A 29 -5.91 -12.25 10.05
N ILE A 30 -6.84 -11.73 10.86
CA ILE A 30 -6.48 -10.99 12.06
C ILE A 30 -7.03 -11.68 13.30
N ALA A 31 -6.15 -12.33 14.05
CA ALA A 31 -6.55 -13.03 15.27
C ALA A 31 -5.99 -12.33 16.51
N ARG A 32 -4.85 -11.67 16.35
CA ARG A 32 -4.21 -10.97 17.45
C ARG A 32 -3.88 -9.53 17.05
N PRO A 33 -4.92 -8.68 16.95
CA PRO A 33 -4.75 -7.27 16.58
C PRO A 33 -4.06 -6.46 17.67
N TRP A 34 -4.04 -7.01 18.88
CA TRP A 34 -3.41 -6.33 20.01
C TRP A 34 -1.90 -6.24 19.82
N GLU A 35 -1.34 -7.21 19.09
CA GLU A 35 0.10 -7.23 18.83
C GLU A 35 0.39 -7.01 17.36
N MET A 36 -0.44 -7.60 16.50
CA MET A 36 -0.26 -7.46 15.06
C MET A 36 -1.42 -6.69 14.44
N MET A 37 -1.41 -5.37 14.63
CA MET A 37 -2.46 -4.52 14.08
C MET A 37 -2.10 -4.04 12.68
N VAL A 38 -2.56 -4.78 11.67
CA VAL A 38 -2.29 -4.42 10.28
C VAL A 38 -3.54 -3.91 9.59
N GLY A 39 -3.36 -2.98 8.65
CA GLY A 39 -4.49 -2.42 7.93
C GLY A 39 -4.10 -1.23 7.08
N ASN A 40 -3.03 -1.39 6.30
CA ASN A 40 -2.55 -0.31 5.43
C ASN A 40 -2.30 -0.83 4.02
N CYS A 41 -2.20 0.09 3.06
CA CYS A 41 -1.98 -0.26 1.67
C CYS A 41 -0.70 0.39 1.15
N MET A 42 0.12 -0.40 0.47
CA MET A 42 1.38 0.11 -0.09
C MET A 42 1.43 -0.14 -1.59
N CYS A 43 2.42 0.48 -2.24
CA CYS A 43 2.59 0.33 -3.69
C CYS A 43 3.11 -1.07 -4.04
N GLY A 44 2.72 -1.57 -5.20
CA GLY A 44 3.15 -2.89 -5.63
C GLY A 44 3.06 -3.06 -7.13
N PRO A 45 3.72 -4.12 -7.65
CA PRO A 45 3.72 -4.42 -9.08
C PRO A 45 2.35 -4.90 -9.58
N LYS A 46 1.95 -4.41 -10.74
CA LYS A 46 0.67 -4.79 -11.33
C LYS A 46 0.68 -6.26 -11.76
N ALA A 47 -0.42 -6.95 -11.49
CA ALA A 47 -0.54 -8.36 -11.85
C ALA A 47 -1.54 -8.55 -12.99
N SER A 1 10.87 12.47 -17.39
CA SER A 1 9.49 12.33 -17.84
C SER A 1 8.54 12.28 -16.64
N LYS A 2 8.60 11.19 -15.88
CA LYS A 2 7.75 11.01 -14.71
C LYS A 2 8.58 10.63 -13.49
N GLU A 3 8.08 10.99 -12.32
CA GLU A 3 8.78 10.69 -11.07
C GLU A 3 7.84 9.98 -10.09
N CYS A 4 7.88 8.65 -10.11
CA CYS A 4 7.04 7.85 -9.23
C CYS A 4 7.88 7.10 -8.20
N MET A 5 7.23 6.26 -7.41
CA MET A 5 7.93 5.48 -6.39
C MET A 5 7.78 3.98 -6.64
N THR A 6 8.63 3.19 -5.99
CA THR A 6 8.59 1.74 -6.15
C THR A 6 7.73 1.09 -5.07
N ASP A 7 7.60 -0.23 -5.15
CA ASP A 7 6.81 -0.97 -4.17
C ASP A 7 7.49 -0.97 -2.80
N GLY A 8 6.68 -1.05 -1.75
CA GLY A 8 7.23 -1.05 -0.40
C GLY A 8 7.01 0.27 0.31
N THR A 9 6.76 1.32 -0.46
CA THR A 9 6.52 2.65 0.10
C THR A 9 5.05 2.90 0.35
N VAL A 10 4.71 3.29 1.58
CA VAL A 10 3.33 3.56 1.94
C VAL A 10 2.69 4.54 0.95
N CYS A 11 1.42 4.29 0.62
CA CYS A 11 0.70 5.14 -0.31
C CYS A 11 -0.78 5.24 0.09
N TYR A 12 -1.49 6.18 -0.53
CA TYR A 12 -2.91 6.37 -0.25
C TYR A 12 -3.65 6.84 -1.50
N ILE A 13 -4.81 6.24 -1.75
CA ILE A 13 -5.62 6.60 -2.91
C ILE A 13 -6.17 8.00 -2.78
N HIS A 14 -6.27 8.49 -1.54
CA HIS A 14 -6.78 9.84 -1.28
C HIS A 14 -5.67 10.74 -0.77
N ASN A 15 -4.46 10.54 -1.26
CA ASN A 15 -3.31 11.34 -0.85
C ASN A 15 -2.59 11.91 -2.07
N HIS A 16 -3.28 11.94 -3.20
CA HIS A 16 -2.69 12.45 -4.43
C HIS A 16 -1.35 11.81 -4.72
N ASN A 17 -1.19 10.56 -4.29
CA ASN A 17 0.07 9.83 -4.48
C ASN A 17 0.03 9.04 -5.79
N ASP A 18 1.02 9.27 -6.64
CA ASP A 18 1.10 8.57 -7.92
C ASP A 18 2.23 7.56 -7.92
N CYS A 19 1.88 6.28 -7.89
CA CYS A 19 2.86 5.21 -7.88
C CYS A 19 2.80 4.39 -9.17
N CYS A 20 3.96 4.14 -9.77
CA CYS A 20 4.03 3.37 -11.00
C CYS A 20 3.28 2.05 -10.87
N GLY A 21 3.22 1.53 -9.64
CA GLY A 21 2.54 0.28 -9.41
C GLY A 21 1.16 0.47 -8.79
N SER A 22 0.42 -0.63 -8.62
CA SER A 22 -0.91 -0.56 -8.05
C SER A 22 -0.88 -0.86 -6.56
N CYS A 23 -1.61 -0.07 -5.78
CA CYS A 23 -1.66 -0.24 -4.33
C CYS A 23 -2.42 -1.52 -3.97
N LEU A 24 -1.80 -2.34 -3.13
CA LEU A 24 -2.42 -3.59 -2.69
C LEU A 24 -2.66 -3.60 -1.19
N CYS A 25 -3.93 -3.66 -0.80
CA CYS A 25 -4.29 -3.66 0.61
C CYS A 25 -4.25 -5.08 1.18
N SER A 26 -3.56 -5.24 2.29
CA SER A 26 -3.44 -6.56 2.93
C SER A 26 -4.71 -6.89 3.72
N ASN A 27 -5.22 -8.10 3.52
CA ASN A 27 -6.42 -8.55 4.21
C ASN A 27 -6.10 -9.65 5.22
N GLY A 28 -4.87 -9.63 5.72
CA GLY A 28 -4.45 -10.64 6.69
C GLY A 28 -5.41 -10.75 7.85
N PRO A 29 -5.27 -11.83 8.64
CA PRO A 29 -6.11 -12.07 9.81
C PRO A 29 -5.85 -11.09 10.94
N ILE A 30 -6.92 -10.47 11.45
CA ILE A 30 -6.81 -9.51 12.53
C ILE A 30 -7.66 -9.92 13.73
N ALA A 31 -7.01 -10.52 14.72
CA ALA A 31 -7.70 -10.96 15.93
C ALA A 31 -7.75 -9.85 16.97
N ARG A 32 -6.69 -9.05 17.03
CA ARG A 32 -6.62 -7.96 17.98
C ARG A 32 -6.03 -6.71 17.33
N PRO A 33 -6.83 -6.06 16.47
CA PRO A 33 -6.42 -4.84 15.77
C PRO A 33 -6.28 -3.64 16.70
N TRP A 34 -6.87 -3.76 17.89
CA TRP A 34 -6.81 -2.68 18.88
C TRP A 34 -5.40 -2.51 19.40
N GLU A 35 -4.64 -3.60 19.43
CA GLU A 35 -3.26 -3.56 19.92
C GLU A 35 -2.28 -3.44 18.76
N MET A 36 -2.63 -4.03 17.62
CA MET A 36 -1.78 -3.98 16.44
C MET A 36 -2.59 -3.58 15.22
N MET A 37 -2.60 -2.28 14.93
CA MET A 37 -3.33 -1.76 13.77
C MET A 37 -2.53 -1.97 12.49
N VAL A 38 -2.70 -3.14 11.88
CA VAL A 38 -2.00 -3.47 10.65
C VAL A 38 -2.96 -3.48 9.45
N GLY A 39 -3.46 -2.30 9.10
CA GLY A 39 -4.39 -2.20 7.99
C GLY A 39 -4.07 -1.02 7.09
N ASN A 40 -3.06 -1.17 6.24
CA ASN A 40 -2.65 -0.11 5.32
C ASN A 40 -2.39 -0.67 3.92
N CYS A 41 -2.29 0.23 2.95
CA CYS A 41 -2.04 -0.18 1.57
C CYS A 41 -0.73 0.43 1.06
N MET A 42 0.11 -0.40 0.45
CA MET A 42 1.38 0.05 -0.08
C MET A 42 1.45 -0.18 -1.60
N CYS A 43 2.44 0.43 -2.24
CA CYS A 43 2.62 0.28 -3.68
C CYS A 43 3.11 -1.12 -4.02
N GLY A 44 2.68 -1.63 -5.18
CA GLY A 44 3.10 -2.95 -5.61
C GLY A 44 3.05 -3.12 -7.11
N PRO A 45 3.68 -4.18 -7.62
CA PRO A 45 3.72 -4.48 -9.05
C PRO A 45 2.35 -4.91 -9.58
N LYS A 46 1.99 -4.39 -10.75
CA LYS A 46 0.71 -4.73 -11.38
C LYS A 46 0.72 -6.16 -11.90
N ALA A 47 -0.33 -6.91 -11.59
CA ALA A 47 -0.45 -8.29 -12.04
C ALA A 47 -1.88 -8.61 -12.46
#